data_6IRS
#
_entry.id   6IRS
#
_cell.length_a   1.0
_cell.length_b   1.0
_cell.length_c   1.0
_cell.angle_alpha   90.00
_cell.angle_beta   90.00
_cell.angle_gamma   90.00
#
_symmetry.space_group_name_H-M   'P 1'
#
loop_
_entity.id
_entity.type
_entity.pdbx_description
1 polymer '4F2 cell-surface antigen heavy chain'
2 polymer 'Large neutral amino acids transporter small subunit 1'
3 branched 2-acetamido-2-deoxy-beta-D-glucopyranose-(1-4)-2-acetamido-2-deoxy-beta-D-glucopyranose
4 non-polymer 1,2-DIACYL-GLYCEROL-3-SN-PHOSPHATE
#
loop_
_entity_poly.entity_id
_entity_poly.type
_entity_poly.pdbx_seq_one_letter_code
_entity_poly.pdbx_strand_id
1 'polypeptide(L)'
;MAHHHHHHHHHHSGRELQPPEASIAVVSIPRQLPGSHSEAGVQGLSAGDDSETGSDCVTQAGLQLLASSDPPALASKNAE
VTVETGFHHVSQADIEFLTSIDPTASASGSAGITGTMSQDTEVDMKEVELNELEPEKQPMNAASGAAMSLAGAEKNGLVK
IKVAEDEAEAAAAAKFTGLSKEELLKVAGSPGWVRTRWALLLLFWLGWLGMLAGAVVIIVRAPRCRELPAQKWWHTGALY
RIGDLQAFQGHGAGNLAGLKGRLDYLSSLKVKGLVLGPIHKNQKDDVAQTDLLQIDPNFGSKEDFDSLLQSAKKKSIRVI
LDLTPNYRGENSWFSTQVDTVATKVKDALEFWLQAGVDGFQVRDIENLKDASSFLAEWQNITKGFSEDRLLIAGTNSSDL
QQILSLLESNKDLLLTSSYLSDSGSTGEHTKSLVTQYLNATGNRWCSWSLSQARLLTSFLPAQLLRLYQLMLFTLPGTPV
FSYGDEIGLDAAALPGQPMEAPVMLWDESSFPDIPGAVSANMTVKGQSEDPGSLLSLFRRLSDQRSKERSLLHGDFHAFS
AGPGLFSYIRHWDQNERFLVVLNFGDVGLSAGLQASDLPASASLPAKADLLLSTQPGREEGSPLELERLKLEPHEGLLLR
FPYAALE
;
A
2 'polypeptide(L)'
;MADYKDDDDKSGPDEVDASGRAGAGPKRRALAAPAAEEKEEAREKMLAAKSADGSEPAGEGEGVTLQRNITLLNGVAIIV
GTIIGSGIFVTPTGVLKEAGSPGLALVVWAACGVFSIVGALCYAELGTTISKSGGDYAYMLEVYGSLPAFLKLWIELLII
RPSSQYIVALVFATYLLKPLFPTCPVPEEAAKLVACLCVLLLTAVNCYSVKAATRVQDAFAAAKLLALALIILLGFVQIG
KGDVSNLDPNFSFEGTKLDVGNIVLALYSGLFAYGGWNYLNFVTEEMINPYRNLPLAIIISLPIVTLVYVLTNLAYFTTL
STEQMLSSEAVAVDFGNYHLGVMSWIIPVFVGLSCFGSVNGSLFTSSRLFFVGSREGHLPSILSMIHPQLLTPVPSLVFT
CVMTLLYAFSKDIFSVINFFSFFNWLCVALAIIGMIWLRHRKPELERPIKVNLALPVFFILACLFLIAVSFWKTPVECGI
GFTIILSGLPVYFFGVWWKNKPKWLLQGIFSTTVLCQKLMQVVPQET
;
B
#
# COMPACT_ATOMS: atom_id res chain seq x y z
N THR A 177 42.17 36.53 4.53
CA THR A 177 41.60 35.19 4.45
C THR A 177 42.47 34.14 5.12
N GLY A 178 41.91 33.47 6.13
CA GLY A 178 42.68 32.62 7.02
C GLY A 178 43.08 31.30 6.41
N LEU A 179 44.36 31.17 6.06
CA LEU A 179 44.82 30.02 5.31
C LEU A 179 46.34 29.85 5.36
N SER A 180 46.83 28.77 4.78
CA SER A 180 48.21 28.66 4.35
C SER A 180 48.16 28.47 2.85
N LYS A 181 49.01 29.20 2.13
CA LYS A 181 48.93 29.30 0.67
C LYS A 181 49.36 28.00 0.01
N GLU A 182 49.25 27.93 -1.31
CA GLU A 182 49.59 26.71 -2.05
C GLU A 182 51.06 26.34 -1.89
N GLU A 183 51.94 27.34 -1.95
CA GLU A 183 53.36 27.06 -1.91
C GLU A 183 53.83 26.85 -0.47
N LEU A 184 53.25 27.60 0.47
CA LEU A 184 53.63 27.47 1.87
C LEU A 184 53.15 26.15 2.45
N LEU A 185 52.07 25.61 1.90
CA LEU A 185 51.58 24.32 2.37
C LEU A 185 52.47 23.19 1.88
N LYS A 186 52.97 23.30 0.64
CA LYS A 186 53.81 22.25 0.09
C LYS A 186 55.17 22.21 0.77
N VAL A 187 55.54 23.28 1.47
CA VAL A 187 56.65 23.21 2.40
C VAL A 187 56.25 22.40 3.63
N ALA A 188 55.12 22.74 4.25
CA ALA A 188 54.84 22.23 5.59
C ALA A 188 54.19 20.85 5.57
N GLY A 189 53.45 20.54 4.52
CA GLY A 189 52.80 19.24 4.42
C GLY A 189 53.51 18.27 3.51
N SER A 190 54.45 17.50 4.06
CA SER A 190 55.20 16.52 3.29
C SER A 190 55.87 15.44 4.16
N PRO A 191 56.78 15.88 5.05
CA PRO A 191 57.61 15.12 5.99
C PRO A 191 57.13 13.71 6.35
N GLY A 192 56.25 13.60 7.35
CA GLY A 192 55.74 12.33 7.80
C GLY A 192 54.24 12.38 7.76
N TRP A 193 53.73 13.52 7.29
CA TRP A 193 52.32 13.66 7.04
C TRP A 193 51.85 12.81 5.89
N VAL A 194 52.75 12.35 5.04
CA VAL A 194 52.37 11.47 3.93
C VAL A 194 51.89 10.14 4.50
N ARG A 195 52.52 9.69 5.58
CA ARG A 195 52.18 8.39 6.13
C ARG A 195 50.87 8.46 6.90
N THR A 196 50.60 9.58 7.57
CA THR A 196 49.32 9.70 8.26
C THR A 196 48.23 10.11 7.29
N ARG A 197 48.58 10.39 6.04
CA ARG A 197 47.58 10.56 5.01
C ARG A 197 47.27 9.23 4.34
N TRP A 198 48.28 8.39 4.18
CA TRP A 198 48.04 7.06 3.62
C TRP A 198 47.38 6.16 4.65
N ALA A 199 47.52 6.48 5.93
CA ALA A 199 46.88 5.65 6.95
C ALA A 199 45.39 5.95 7.05
N LEU A 200 45.03 7.23 6.98
CA LEU A 200 43.61 7.57 7.04
C LEU A 200 42.92 7.20 5.75
N LEU A 201 43.66 7.12 4.65
CA LEU A 201 43.08 6.65 3.41
C LEU A 201 42.88 5.15 3.45
N LEU A 202 43.78 4.43 4.09
CA LEU A 202 43.69 2.98 4.12
C LEU A 202 42.70 2.53 5.19
N LEU A 203 42.48 3.36 6.20
CA LEU A 203 41.47 3.05 7.21
C LEU A 203 40.07 3.29 6.66
N PHE A 204 39.95 4.03 5.57
CA PHE A 204 38.65 4.24 4.94
C PHE A 204 38.11 2.96 4.33
N TRP A 205 38.90 2.34 3.47
CA TRP A 205 38.41 1.17 2.75
C TRP A 205 38.30 -0.05 3.65
N LEU A 206 38.93 -0.01 4.82
CA LEU A 206 38.65 -1.04 5.83
C LEU A 206 37.36 -0.74 6.58
N GLY A 207 37.16 0.53 6.95
CA GLY A 207 35.91 0.90 7.59
C GLY A 207 34.74 0.91 6.63
N TRP A 208 35.03 0.84 5.34
CA TRP A 208 33.98 0.66 4.35
C TRP A 208 33.67 -0.81 4.16
N LEU A 209 34.70 -1.65 4.03
CA LEU A 209 34.46 -3.09 3.93
C LEU A 209 34.03 -3.68 5.26
N GLY A 210 34.33 -3.00 6.36
CA GLY A 210 33.78 -3.42 7.63
C GLY A 210 32.28 -3.17 7.70
N MET A 211 31.83 -2.08 7.08
CA MET A 211 30.40 -1.81 7.03
C MET A 211 29.74 -2.59 5.91
N LEU A 212 30.55 -3.07 4.95
CA LEU A 212 30.02 -3.88 3.86
C LEU A 212 29.52 -5.22 4.38
N ALA A 213 30.42 -6.03 4.92
CA ALA A 213 30.04 -7.36 5.37
C ALA A 213 29.23 -7.30 6.66
N GLY A 214 29.33 -6.19 7.40
CA GLY A 214 28.47 -6.00 8.55
C GLY A 214 27.02 -5.84 8.17
N ALA A 215 26.77 -5.43 6.93
CA ALA A 215 25.42 -5.48 6.38
C ALA A 215 25.11 -6.85 5.79
N VAL A 216 26.13 -7.51 5.24
CA VAL A 216 25.93 -8.83 4.62
C VAL A 216 25.65 -9.88 5.69
N VAL A 217 26.12 -9.64 6.92
CA VAL A 217 25.76 -10.49 8.04
C VAL A 217 24.26 -10.45 8.27
N ILE A 218 23.69 -9.25 8.29
CA ILE A 218 22.28 -9.09 8.61
C ILE A 218 21.39 -9.66 7.52
N ILE A 219 21.88 -9.66 6.28
CA ILE A 219 21.05 -10.16 5.19
C ILE A 219 21.07 -11.67 5.15
N VAL A 220 22.06 -12.31 5.77
CA VAL A 220 22.10 -13.76 5.76
C VAL A 220 21.38 -14.34 6.97
N ARG A 221 21.65 -13.82 8.17
CA ARG A 221 20.91 -14.30 9.34
C ARG A 221 19.62 -13.50 9.55
N ALA A 222 18.87 -13.35 8.46
CA ALA A 222 17.55 -12.76 8.54
C ALA A 222 16.52 -13.85 8.30
N PRO A 223 15.41 -13.81 9.01
CA PRO A 223 14.32 -14.77 8.74
C PRO A 223 13.72 -14.58 7.37
N ARG A 224 13.70 -15.65 6.56
CA ARG A 224 13.29 -15.56 5.18
C ARG A 224 11.79 -15.44 5.00
N CYS A 225 11.30 -15.69 3.79
CA CYS A 225 9.90 -15.56 3.47
C CYS A 225 9.28 -16.94 3.23
N ARG A 226 8.08 -17.14 3.75
CA ARG A 226 7.22 -18.24 3.33
C ARG A 226 6.75 -17.92 1.92
N GLU A 227 6.85 -18.87 1.00
CA GLU A 227 6.31 -18.62 -0.32
C GLU A 227 4.80 -18.76 -0.30
N LEU A 228 4.13 -18.04 -1.20
CA LEU A 228 2.68 -17.87 -1.11
C LEU A 228 1.97 -19.05 -1.78
N PRO A 229 0.87 -19.55 -1.18
CA PRO A 229 0.43 -20.91 -1.50
C PRO A 229 -0.55 -21.08 -2.65
N ALA A 230 -0.40 -20.33 -3.75
CA ALA A 230 -1.09 -20.54 -5.03
C ALA A 230 -2.62 -20.69 -4.88
N GLN A 231 -3.25 -19.64 -4.36
CA GLN A 231 -4.65 -19.71 -4.04
C GLN A 231 -5.55 -19.81 -5.26
N LYS A 232 -6.72 -20.40 -5.06
CA LYS A 232 -7.79 -20.43 -6.04
C LYS A 232 -8.78 -19.32 -5.70
N TRP A 233 -9.75 -19.10 -6.58
CA TRP A 233 -10.61 -17.94 -6.45
C TRP A 233 -11.61 -18.07 -5.33
N TRP A 234 -11.96 -19.28 -4.94
CA TRP A 234 -12.96 -19.42 -3.88
C TRP A 234 -12.36 -19.35 -2.49
N HIS A 235 -11.04 -19.33 -2.39
CA HIS A 235 -10.37 -19.27 -1.11
C HIS A 235 -10.47 -17.91 -0.45
N THR A 236 -10.88 -16.89 -1.19
CA THR A 236 -10.57 -15.50 -0.89
C THR A 236 -11.76 -14.71 -0.37
N GLY A 237 -12.85 -15.37 -0.04
CA GLY A 237 -14.04 -14.69 0.40
C GLY A 237 -15.21 -15.65 0.45
N ALA A 238 -16.34 -15.14 0.92
CA ALA A 238 -17.49 -15.98 1.18
C ALA A 238 -18.12 -16.45 -0.12
N LEU A 239 -19.04 -17.41 -0.02
CA LEU A 239 -19.92 -17.70 -1.13
C LEU A 239 -21.33 -17.30 -0.72
N TYR A 240 -22.30 -17.58 -1.57
CA TYR A 240 -23.64 -17.06 -1.33
C TYR A 240 -24.64 -18.00 -1.99
N ARG A 241 -25.48 -18.64 -1.17
CA ARG A 241 -26.48 -19.56 -1.68
C ARG A 241 -27.77 -18.84 -2.02
N ILE A 242 -28.24 -19.02 -3.25
CA ILE A 242 -29.49 -18.45 -3.74
C ILE A 242 -30.25 -19.58 -4.41
N GLY A 243 -31.22 -20.15 -3.71
CA GLY A 243 -31.95 -21.29 -4.21
C GLY A 243 -33.25 -20.94 -4.91
N ASP A 244 -34.04 -20.06 -4.28
CA ASP A 244 -35.31 -19.61 -4.83
C ASP A 244 -35.10 -18.21 -5.38
N LEU A 245 -35.10 -18.10 -6.71
CA LEU A 245 -35.06 -16.78 -7.32
C LEU A 245 -36.35 -16.02 -7.10
N GLN A 246 -37.45 -16.78 -7.13
CA GLN A 246 -38.80 -16.27 -6.92
C GLN A 246 -38.76 -15.39 -5.70
N ALA A 247 -38.30 -15.95 -4.60
CA ALA A 247 -38.17 -15.11 -3.43
C ALA A 247 -37.06 -14.07 -3.68
N PHE A 248 -35.89 -14.50 -4.16
CA PHE A 248 -34.65 -13.68 -4.38
C PHE A 248 -34.76 -12.20 -4.81
N GLN A 249 -35.87 -11.93 -5.47
CA GLN A 249 -36.32 -10.65 -6.02
C GLN A 249 -37.71 -10.30 -5.50
N GLY A 250 -38.69 -11.14 -5.77
CA GLY A 250 -40.08 -10.87 -5.46
C GLY A 250 -41.00 -11.41 -6.55
N HIS A 251 -42.18 -10.81 -6.65
CA HIS A 251 -43.15 -11.20 -7.67
C HIS A 251 -43.05 -10.28 -8.87
N GLY A 252 -43.00 -10.87 -10.06
CA GLY A 252 -42.89 -10.12 -11.29
C GLY A 252 -41.46 -10.07 -11.79
N ALA A 253 -40.51 -10.16 -10.87
CA ALA A 253 -39.09 -10.00 -11.20
C ALA A 253 -38.30 -11.28 -10.98
N GLY A 254 -38.97 -12.41 -10.71
CA GLY A 254 -38.27 -13.61 -10.34
C GLY A 254 -37.64 -14.36 -11.50
N ASN A 255 -36.63 -13.77 -12.11
CA ASN A 255 -36.03 -14.36 -13.30
C ASN A 255 -34.56 -13.99 -13.35
N LEU A 256 -33.90 -14.44 -14.42
CA LEU A 256 -32.46 -14.29 -14.49
C LEU A 256 -32.06 -12.86 -14.84
N ALA A 257 -32.82 -12.20 -15.70
CA ALA A 257 -32.46 -10.83 -16.08
C ALA A 257 -32.79 -9.85 -14.96
N GLY A 258 -33.83 -10.16 -14.18
CA GLY A 258 -34.06 -9.40 -12.97
C GLY A 258 -33.06 -9.68 -11.89
N LEU A 259 -32.44 -10.86 -11.92
CA LEU A 259 -31.32 -11.16 -11.04
C LEU A 259 -30.09 -10.37 -11.41
N LYS A 260 -29.96 -10.00 -12.69
CA LYS A 260 -28.72 -9.43 -13.18
C LYS A 260 -28.49 -8.02 -12.63
N GLY A 261 -29.53 -7.37 -12.17
CA GLY A 261 -29.33 -6.10 -11.51
C GLY A 261 -28.92 -6.18 -10.07
N ARG A 262 -28.92 -7.38 -9.49
CA ARG A 262 -28.63 -7.54 -8.08
C ARG A 262 -27.13 -7.65 -7.81
N LEU A 263 -26.31 -7.70 -8.84
CA LEU A 263 -24.88 -7.86 -8.67
C LEU A 263 -24.24 -6.62 -8.09
N ASP A 264 -24.88 -5.47 -8.19
CA ASP A 264 -24.44 -4.31 -7.44
C ASP A 264 -24.61 -4.49 -5.95
N TYR A 265 -25.59 -5.29 -5.53
CA TYR A 265 -25.71 -5.62 -4.11
C TYR A 265 -24.80 -6.76 -3.72
N LEU A 266 -24.63 -7.74 -4.59
CA LEU A 266 -23.78 -8.87 -4.26
C LEU A 266 -22.32 -8.47 -4.21
N SER A 267 -21.94 -7.48 -5.01
CA SER A 267 -20.61 -6.91 -4.84
C SER A 267 -20.57 -5.87 -3.74
N SER A 268 -21.71 -5.48 -3.19
CA SER A 268 -21.67 -4.67 -1.98
C SER A 268 -21.29 -5.53 -0.79
N LEU A 269 -21.55 -6.83 -0.88
CA LEU A 269 -21.21 -7.77 0.17
C LEU A 269 -19.79 -8.32 0.03
N LYS A 270 -19.16 -8.11 -1.12
CA LYS A 270 -17.84 -8.64 -1.46
C LYS A 270 -17.80 -10.16 -1.42
N VAL A 271 -18.83 -10.80 -1.93
CA VAL A 271 -18.79 -12.24 -2.12
C VAL A 271 -17.93 -12.54 -3.32
N LYS A 272 -17.57 -13.80 -3.50
CA LYS A 272 -16.74 -14.21 -4.62
C LYS A 272 -17.43 -15.23 -5.51
N GLY A 273 -18.69 -15.53 -5.24
CA GLY A 273 -19.37 -16.58 -5.98
C GLY A 273 -20.83 -16.57 -5.66
N LEU A 274 -21.57 -17.39 -6.40
CA LEU A 274 -23.00 -17.57 -6.19
C LEU A 274 -23.36 -19.01 -6.45
N VAL A 275 -24.02 -19.64 -5.48
CA VAL A 275 -24.65 -20.92 -5.70
C VAL A 275 -25.96 -20.62 -6.42
N LEU A 276 -26.00 -20.88 -7.72
CA LEU A 276 -27.15 -20.51 -8.51
C LEU A 276 -27.90 -21.75 -8.96
N GLY A 277 -29.13 -21.89 -8.52
CA GLY A 277 -29.97 -22.91 -9.06
C GLY A 277 -30.77 -23.67 -8.03
N PRO A 278 -31.32 -24.82 -8.41
CA PRO A 278 -31.26 -25.43 -9.75
C PRO A 278 -32.26 -24.80 -10.69
N ILE A 279 -31.88 -24.64 -11.94
CA ILE A 279 -32.68 -23.90 -12.90
C ILE A 279 -33.12 -24.77 -14.08
N HIS A 280 -32.81 -26.05 -14.05
CA HIS A 280 -33.08 -26.90 -15.21
C HIS A 280 -34.54 -27.32 -15.24
N LYS A 281 -34.86 -28.23 -16.16
CA LYS A 281 -36.23 -28.62 -16.43
C LYS A 281 -36.62 -29.79 -15.53
N ASN A 282 -37.39 -29.49 -14.47
CA ASN A 282 -37.94 -30.49 -13.58
C ASN A 282 -39.45 -30.33 -13.55
N GLN A 283 -40.17 -31.25 -14.20
CA GLN A 283 -41.60 -31.25 -14.01
C GLN A 283 -41.94 -31.65 -12.58
N LYS A 284 -41.85 -32.95 -12.28
CA LYS A 284 -42.04 -33.54 -10.96
C LYS A 284 -41.77 -35.04 -11.04
N ASP A 285 -40.87 -35.55 -10.20
CA ASP A 285 -40.81 -36.98 -9.81
C ASP A 285 -40.58 -37.95 -10.97
N ASP A 286 -40.17 -37.47 -12.14
CA ASP A 286 -40.07 -38.31 -13.33
C ASP A 286 -38.64 -38.30 -13.86
N VAL A 287 -38.15 -39.49 -14.18
CA VAL A 287 -36.81 -39.60 -14.75
C VAL A 287 -36.81 -39.16 -16.21
N ALA A 288 -37.76 -39.66 -16.99
CA ALA A 288 -37.75 -39.43 -18.43
C ALA A 288 -38.12 -38.00 -18.79
N GLN A 289 -38.75 -37.27 -17.87
CA GLN A 289 -39.12 -35.88 -18.10
C GLN A 289 -38.36 -34.92 -17.20
N THR A 290 -37.07 -35.18 -16.95
CA THR A 290 -36.21 -34.23 -16.26
C THR A 290 -34.89 -34.18 -17.00
N ASP A 291 -34.71 -33.12 -17.80
CA ASP A 291 -33.50 -32.94 -18.58
C ASP A 291 -32.70 -31.81 -17.97
N LEU A 292 -31.49 -32.15 -17.53
CA LEU A 292 -30.60 -31.21 -16.86
C LEU A 292 -30.01 -30.20 -17.81
N LEU A 293 -30.03 -30.48 -19.11
CA LEU A 293 -29.37 -29.63 -20.08
C LEU A 293 -30.28 -28.48 -20.51
N GLN A 294 -31.59 -28.69 -20.48
CA GLN A 294 -32.55 -27.67 -20.85
C GLN A 294 -32.89 -26.85 -19.60
N ILE A 295 -32.93 -25.54 -19.77
CA ILE A 295 -33.36 -24.63 -18.70
C ILE A 295 -34.87 -24.71 -18.49
N ASP A 296 -35.32 -24.21 -17.38
CA ASP A 296 -36.76 -24.10 -17.12
C ASP A 296 -37.22 -22.72 -17.58
N PRO A 297 -38.21 -22.62 -18.47
CA PRO A 297 -38.57 -21.31 -19.02
C PRO A 297 -39.24 -20.35 -18.06
N ASN A 298 -39.40 -20.72 -16.79
CA ASN A 298 -39.87 -19.76 -15.80
C ASN A 298 -38.77 -18.81 -15.37
N PHE A 299 -37.53 -19.04 -15.80
CA PHE A 299 -36.41 -18.17 -15.43
C PHE A 299 -35.94 -17.37 -16.64
N GLY A 300 -35.85 -18.03 -17.79
CA GLY A 300 -35.46 -17.37 -19.02
C GLY A 300 -35.05 -18.37 -20.07
N SER A 301 -34.04 -18.03 -20.86
CA SER A 301 -33.46 -18.94 -21.84
C SER A 301 -31.96 -18.91 -21.67
N LYS A 302 -31.26 -19.67 -22.52
CA LYS A 302 -29.81 -19.77 -22.42
C LYS A 302 -29.14 -18.44 -22.68
N GLU A 303 -29.74 -17.63 -23.54
CA GLU A 303 -29.17 -16.33 -23.87
C GLU A 303 -29.36 -15.35 -22.72
N ASP A 304 -30.42 -15.54 -21.93
CA ASP A 304 -30.53 -14.81 -20.68
C ASP A 304 -29.49 -15.27 -19.70
N PHE A 305 -29.19 -16.58 -19.70
CA PHE A 305 -28.21 -17.13 -18.78
C PHE A 305 -26.81 -16.71 -19.16
N ASP A 306 -26.52 -16.67 -20.47
CA ASP A 306 -25.22 -16.19 -20.92
C ASP A 306 -25.06 -14.70 -20.68
N SER A 307 -26.18 -13.98 -20.64
CA SER A 307 -26.11 -12.59 -20.22
C SER A 307 -25.73 -12.49 -18.76
N LEU A 308 -26.16 -13.46 -17.94
CA LEU A 308 -25.88 -13.38 -16.50
C LEU A 308 -24.43 -13.67 -16.21
N LEU A 309 -23.87 -14.70 -16.85
CA LEU A 309 -22.49 -15.07 -16.60
C LEU A 309 -21.54 -13.99 -17.06
N GLN A 310 -21.83 -13.40 -18.22
CA GLN A 310 -20.96 -12.38 -18.78
C GLN A 310 -21.05 -11.09 -17.99
N SER A 311 -22.21 -10.79 -17.41
CA SER A 311 -22.33 -9.60 -16.59
C SER A 311 -21.68 -9.79 -15.23
N ALA A 312 -21.73 -11.02 -14.72
CA ALA A 312 -21.12 -11.31 -13.43
C ALA A 312 -19.61 -11.30 -13.53
N LYS A 313 -19.07 -11.88 -14.61
CA LYS A 313 -17.63 -12.03 -14.76
C LYS A 313 -16.91 -10.70 -14.94
N LYS A 314 -17.64 -9.64 -15.28
CA LYS A 314 -17.04 -8.32 -15.29
C LYS A 314 -16.80 -7.81 -13.87
N LYS A 315 -17.65 -8.18 -12.92
CA LYS A 315 -17.45 -7.77 -11.54
C LYS A 315 -16.57 -8.75 -10.76
N SER A 316 -16.12 -9.82 -11.42
CA SER A 316 -15.43 -10.97 -10.79
C SER A 316 -16.27 -11.56 -9.66
N ILE A 317 -17.48 -11.99 -10.00
CA ILE A 317 -18.29 -12.86 -9.17
C ILE A 317 -18.56 -14.10 -10.00
N ARG A 318 -18.04 -15.24 -9.57
CA ARG A 318 -18.28 -16.44 -10.35
C ARG A 318 -19.65 -17.00 -10.03
N VAL A 319 -20.08 -17.95 -10.85
CA VAL A 319 -21.42 -18.51 -10.75
C VAL A 319 -21.31 -20.02 -10.68
N ILE A 320 -21.82 -20.59 -9.60
CA ILE A 320 -21.79 -22.02 -9.34
C ILE A 320 -23.19 -22.55 -9.57
N LEU A 321 -23.28 -23.57 -10.41
CA LEU A 321 -24.56 -24.08 -10.87
C LEU A 321 -24.99 -25.33 -10.14
N ASP A 322 -26.12 -25.28 -9.46
CA ASP A 322 -26.61 -26.38 -8.65
C ASP A 322 -27.30 -27.40 -9.57
N LEU A 323 -26.92 -28.66 -9.44
CA LEU A 323 -27.43 -29.71 -10.31
C LEU A 323 -28.12 -30.85 -9.59
N THR A 324 -28.81 -30.57 -8.49
CA THR A 324 -29.60 -31.59 -7.83
C THR A 324 -30.82 -31.92 -8.68
N PRO A 325 -31.00 -33.16 -9.14
CA PRO A 325 -32.04 -33.47 -10.14
C PRO A 325 -33.49 -33.23 -9.72
N ASN A 326 -33.98 -33.89 -8.67
CA ASN A 326 -35.36 -33.73 -8.26
C ASN A 326 -35.41 -32.67 -7.17
N TYR A 327 -35.29 -31.41 -7.59
CA TYR A 327 -35.33 -30.31 -6.64
C TYR A 327 -36.74 -29.83 -6.37
N ARG A 328 -37.74 -30.66 -6.66
CA ARG A 328 -39.12 -30.32 -6.38
C ARG A 328 -39.86 -31.36 -5.57
N GLY A 329 -39.29 -32.55 -5.39
CA GLY A 329 -39.98 -33.64 -4.73
C GLY A 329 -39.45 -33.94 -3.33
N GLU A 330 -39.76 -35.15 -2.88
CA GLU A 330 -39.29 -35.60 -1.57
C GLU A 330 -37.87 -36.15 -1.68
N ASN A 331 -37.68 -37.20 -2.45
CA ASN A 331 -36.36 -37.74 -2.74
C ASN A 331 -35.76 -36.90 -3.87
N SER A 332 -34.52 -36.44 -3.67
CA SER A 332 -33.87 -35.57 -4.64
C SER A 332 -33.21 -36.33 -5.77
N TRP A 333 -33.09 -37.64 -5.67
CA TRP A 333 -32.22 -38.37 -6.59
C TRP A 333 -32.94 -39.52 -7.27
N PHE A 334 -34.28 -39.47 -7.32
CA PHE A 334 -35.12 -40.36 -8.12
C PHE A 334 -34.96 -41.84 -7.78
N SER A 335 -35.60 -42.30 -6.70
CA SER A 335 -35.36 -43.56 -5.99
C SER A 335 -35.23 -44.85 -6.82
N THR A 336 -35.62 -44.81 -8.09
CA THR A 336 -35.48 -45.96 -8.99
C THR A 336 -34.03 -46.04 -9.47
N GLN A 337 -33.77 -46.71 -10.60
CA GLN A 337 -32.41 -47.00 -11.05
C GLN A 337 -31.58 -45.75 -11.29
N VAL A 338 -30.29 -45.85 -10.97
CA VAL A 338 -29.49 -44.67 -10.66
C VAL A 338 -28.37 -44.43 -11.66
N ASP A 339 -27.94 -45.43 -12.43
CA ASP A 339 -26.80 -45.25 -13.31
C ASP A 339 -27.14 -44.39 -14.52
N THR A 340 -28.41 -44.34 -14.90
CA THR A 340 -28.83 -43.39 -15.92
C THR A 340 -29.02 -42.00 -15.33
N VAL A 341 -29.35 -41.93 -14.03
CA VAL A 341 -29.46 -40.63 -13.37
C VAL A 341 -28.10 -39.99 -13.26
N ALA A 342 -27.08 -40.77 -12.94
CA ALA A 342 -25.72 -40.26 -12.95
C ALA A 342 -25.24 -40.00 -14.36
N THR A 343 -25.78 -40.72 -15.34
CA THR A 343 -25.44 -40.46 -16.73
C THR A 343 -25.95 -39.09 -17.16
N LYS A 344 -27.09 -38.67 -16.61
CA LYS A 344 -27.57 -37.32 -16.85
C LYS A 344 -26.65 -36.29 -16.21
N VAL A 345 -26.01 -36.65 -15.09
CA VAL A 345 -25.04 -35.73 -14.51
C VAL A 345 -23.75 -35.77 -15.30
N LYS A 346 -23.46 -36.91 -15.93
CA LYS A 346 -22.17 -37.12 -16.59
C LYS A 346 -22.01 -36.22 -17.81
N ASP A 347 -23.10 -35.91 -18.49
CA ASP A 347 -23.02 -35.00 -19.62
C ASP A 347 -23.32 -33.56 -19.25
N ALA A 348 -24.08 -33.34 -18.17
CA ALA A 348 -24.39 -31.98 -17.74
C ALA A 348 -23.16 -31.26 -17.21
N LEU A 349 -22.17 -31.99 -16.72
CA LEU A 349 -20.92 -31.33 -16.36
C LEU A 349 -20.16 -30.91 -17.60
N GLU A 350 -20.31 -31.66 -18.69
CA GLU A 350 -19.69 -31.27 -19.94
C GLU A 350 -20.35 -30.07 -20.57
N PHE A 351 -21.68 -29.99 -20.47
CA PHE A 351 -22.44 -28.97 -21.18
C PHE A 351 -22.20 -27.59 -20.60
N TRP A 352 -22.37 -27.44 -19.30
CA TRP A 352 -22.38 -26.11 -18.72
C TRP A 352 -20.98 -25.55 -18.54
N LEU A 353 -19.96 -26.40 -18.53
CA LEU A 353 -18.60 -25.86 -18.56
C LEU A 353 -18.27 -25.26 -19.91
N GLN A 354 -18.85 -25.81 -20.98
CA GLN A 354 -18.69 -25.22 -22.30
C GLN A 354 -19.38 -23.87 -22.38
N ALA A 355 -20.47 -23.69 -21.64
CA ALA A 355 -21.07 -22.36 -21.54
C ALA A 355 -20.26 -21.45 -20.65
N GLY A 356 -19.40 -22.01 -19.81
CA GLY A 356 -18.43 -21.22 -19.10
C GLY A 356 -18.74 -20.99 -17.64
N VAL A 357 -19.48 -21.91 -17.01
CA VAL A 357 -19.68 -21.79 -15.58
C VAL A 357 -18.40 -22.17 -14.85
N ASP A 358 -18.30 -21.78 -13.60
CA ASP A 358 -17.10 -22.01 -12.82
C ASP A 358 -17.41 -22.76 -11.54
N GLY A 359 -18.18 -23.82 -11.64
CA GLY A 359 -18.38 -24.65 -10.47
C GLY A 359 -19.76 -25.24 -10.40
N PHE A 360 -19.89 -26.35 -9.67
CA PHE A 360 -21.13 -27.09 -9.59
C PHE A 360 -21.47 -27.34 -8.13
N GLN A 361 -22.62 -27.93 -7.92
CA GLN A 361 -23.03 -28.38 -6.60
C GLN A 361 -24.10 -29.43 -6.75
N VAL A 362 -23.88 -30.59 -6.17
CA VAL A 362 -24.95 -31.55 -5.97
C VAL A 362 -25.31 -31.50 -4.50
N ARG A 363 -26.50 -31.97 -4.18
CA ARG A 363 -26.92 -31.96 -2.78
C ARG A 363 -27.55 -33.29 -2.43
N ASP A 364 -27.69 -33.47 -1.12
CA ASP A 364 -28.46 -34.55 -0.50
C ASP A 364 -27.97 -35.92 -0.98
N ILE A 365 -26.66 -36.13 -0.89
CA ILE A 365 -26.04 -37.31 -1.48
C ILE A 365 -26.10 -38.49 -0.51
N GLU A 366 -26.71 -38.28 0.64
CA GLU A 366 -27.15 -39.42 1.44
C GLU A 366 -28.28 -40.18 0.76
N ASN A 367 -28.99 -39.53 -0.17
CA ASN A 367 -29.96 -40.17 -1.04
C ASN A 367 -29.32 -40.70 -2.32
N LEU A 368 -27.99 -40.71 -2.38
CA LEU A 368 -27.26 -41.25 -3.51
C LEU A 368 -26.61 -42.54 -3.07
N LYS A 369 -26.81 -43.60 -3.84
CA LYS A 369 -26.18 -44.87 -3.54
C LYS A 369 -24.79 -44.88 -4.16
N ASP A 370 -23.79 -45.23 -3.33
CA ASP A 370 -22.37 -45.14 -3.67
C ASP A 370 -21.99 -43.71 -4.07
N ALA A 371 -22.04 -42.82 -3.07
CA ALA A 371 -21.71 -41.43 -3.32
C ALA A 371 -20.23 -41.24 -3.63
N SER A 372 -19.37 -41.97 -2.93
CA SER A 372 -17.94 -41.76 -3.00
C SER A 372 -17.33 -42.18 -4.33
N SER A 373 -18.03 -42.97 -5.12
CA SER A 373 -17.48 -43.32 -6.42
C SER A 373 -17.92 -42.36 -7.50
N PHE A 374 -19.17 -41.90 -7.45
CA PHE A 374 -19.61 -40.93 -8.43
C PHE A 374 -19.02 -39.55 -8.21
N LEU A 375 -18.84 -39.16 -6.95
CA LEU A 375 -18.24 -37.85 -6.68
C LEU A 375 -16.80 -37.81 -7.14
N ALA A 376 -16.05 -38.88 -6.90
CA ALA A 376 -14.66 -38.90 -7.31
C ALA A 376 -14.52 -38.95 -8.82
N GLU A 377 -15.51 -39.52 -9.51
CA GLU A 377 -15.48 -39.49 -10.97
C GLU A 377 -15.82 -38.10 -11.49
N TRP A 378 -16.81 -37.45 -10.89
CA TRP A 378 -17.18 -36.10 -11.31
C TRP A 378 -16.10 -35.10 -10.94
N GLN A 379 -15.39 -35.33 -9.83
CA GLN A 379 -14.24 -34.51 -9.49
C GLN A 379 -13.14 -34.66 -10.52
N ASN A 380 -13.08 -35.83 -11.15
CA ASN A 380 -12.12 -36.03 -12.22
C ASN A 380 -12.62 -35.31 -13.47
N ILE A 381 -13.92 -35.04 -13.53
CA ILE A 381 -14.46 -34.36 -14.70
C ILE A 381 -14.46 -32.86 -14.51
N THR A 382 -14.79 -32.39 -13.30
CA THR A 382 -14.71 -30.96 -13.01
C THR A 382 -13.28 -30.47 -13.09
N LYS A 383 -12.33 -31.28 -12.65
CA LYS A 383 -10.93 -30.96 -12.91
C LYS A 383 -10.49 -31.39 -14.29
N GLY A 384 -11.36 -32.06 -15.05
CA GLY A 384 -10.98 -32.55 -16.36
C GLY A 384 -10.85 -31.48 -17.41
N PHE A 385 -11.48 -30.33 -17.22
CA PHE A 385 -11.32 -29.23 -18.16
C PHE A 385 -10.29 -28.22 -17.71
N SER A 386 -10.40 -27.70 -16.48
CA SER A 386 -9.40 -26.82 -15.94
C SER A 386 -9.27 -27.12 -14.45
N GLU A 387 -8.56 -26.26 -13.74
CA GLU A 387 -8.38 -26.43 -12.32
C GLU A 387 -8.97 -25.27 -11.55
N ASP A 388 -9.65 -24.35 -12.21
CA ASP A 388 -10.25 -23.20 -11.56
C ASP A 388 -11.72 -23.43 -11.26
N ARG A 389 -12.13 -24.69 -11.19
CA ARG A 389 -13.52 -25.09 -11.06
C ARG A 389 -13.67 -25.98 -9.84
N LEU A 390 -14.77 -25.82 -9.12
CA LEU A 390 -14.96 -26.56 -7.88
C LEU A 390 -16.24 -27.35 -7.96
N LEU A 391 -16.48 -28.19 -6.96
CA LEU A 391 -17.67 -29.02 -6.90
C LEU A 391 -18.07 -29.16 -5.44
N ILE A 392 -19.02 -28.36 -5.00
CA ILE A 392 -19.49 -28.38 -3.63
C ILE A 392 -20.44 -29.56 -3.52
N ALA A 393 -20.64 -30.07 -2.33
CA ALA A 393 -21.64 -31.10 -2.12
C ALA A 393 -22.23 -30.94 -0.73
N GLY A 394 -23.46 -31.38 -0.56
CA GLY A 394 -24.17 -31.18 0.68
C GLY A 394 -24.64 -32.50 1.28
N THR A 395 -24.99 -32.45 2.56
CA THR A 395 -25.69 -33.53 3.25
C THR A 395 -26.31 -32.98 4.52
N ASN A 396 -27.29 -33.71 5.05
CA ASN A 396 -27.90 -33.35 6.32
C ASN A 396 -27.18 -33.97 7.49
N SER A 397 -26.10 -34.68 7.23
CA SER A 397 -25.39 -35.44 8.26
C SER A 397 -24.60 -34.51 9.17
N SER A 398 -24.66 -34.80 10.45
CA SER A 398 -23.81 -34.14 11.43
C SER A 398 -22.77 -35.08 12.01
N ASP A 399 -22.58 -36.25 11.41
CA ASP A 399 -21.67 -37.24 11.96
C ASP A 399 -20.26 -36.99 11.46
N LEU A 400 -19.34 -36.83 12.41
CA LEU A 400 -17.96 -36.51 12.08
C LEU A 400 -17.29 -37.65 11.32
N GLN A 401 -17.68 -38.88 11.63
CA GLN A 401 -17.04 -40.02 10.98
C GLN A 401 -17.62 -40.27 9.60
N GLN A 402 -18.88 -39.89 9.37
CA GLN A 402 -19.51 -40.20 8.09
C GLN A 402 -18.98 -39.29 6.99
N ILE A 403 -18.67 -38.04 7.33
CA ILE A 403 -18.12 -37.07 6.39
C ILE A 403 -16.79 -37.55 5.84
N LEU A 404 -15.94 -38.10 6.71
CA LEU A 404 -14.59 -38.45 6.31
C LEU A 404 -14.57 -39.65 5.39
N SER A 405 -15.63 -40.46 5.41
CA SER A 405 -15.79 -41.50 4.41
C SER A 405 -15.98 -40.91 3.02
N LEU A 406 -16.67 -39.77 2.93
CA LEU A 406 -16.83 -39.09 1.66
C LEU A 406 -15.54 -38.43 1.23
N LEU A 407 -14.76 -37.90 2.17
CA LEU A 407 -13.51 -37.23 1.89
C LEU A 407 -12.32 -38.18 1.92
N GLU A 408 -12.58 -39.48 1.71
CA GLU A 408 -11.52 -40.48 1.84
C GLU A 408 -10.58 -40.42 0.64
N SER A 409 -11.09 -40.74 -0.54
CA SER A 409 -10.28 -40.59 -1.74
C SER A 409 -10.26 -39.16 -2.26
N ASN A 410 -11.25 -38.35 -1.88
CA ASN A 410 -11.38 -37.01 -2.42
C ASN A 410 -10.89 -35.98 -1.42
N LYS A 411 -9.99 -35.16 -1.84
CA LYS A 411 -9.38 -34.20 -0.95
C LYS A 411 -9.58 -32.78 -1.44
N ASP A 412 -9.69 -32.59 -2.75
CA ASP A 412 -9.98 -31.28 -3.33
C ASP A 412 -11.48 -31.12 -3.58
N LEU A 413 -12.29 -31.63 -2.66
CA LEU A 413 -13.75 -31.61 -2.73
C LEU A 413 -14.29 -30.85 -1.54
N LEU A 414 -14.97 -29.74 -1.79
CA LEU A 414 -15.72 -29.10 -0.71
C LEU A 414 -16.92 -29.94 -0.35
N LEU A 415 -17.38 -29.81 0.87
CA LEU A 415 -18.47 -30.63 1.38
C LEU A 415 -19.08 -29.90 2.56
N THR A 416 -20.22 -29.29 2.37
CA THR A 416 -20.94 -28.66 3.46
C THR A 416 -21.91 -29.66 4.07
N SER A 417 -22.19 -29.50 5.36
CA SER A 417 -23.05 -30.42 6.06
C SER A 417 -23.62 -29.71 7.27
N SER A 418 -24.45 -30.42 8.03
CA SER A 418 -25.05 -29.91 9.25
C SER A 418 -24.19 -30.21 10.47
N TYR A 419 -22.89 -30.29 10.25
CA TYR A 419 -21.94 -30.68 11.30
C TYR A 419 -21.89 -29.68 12.42
N LEU A 420 -21.98 -28.39 12.12
CA LEU A 420 -21.98 -27.37 13.15
C LEU A 420 -23.38 -27.01 13.56
N SER A 421 -24.38 -27.65 12.96
CA SER A 421 -25.75 -27.19 13.08
C SER A 421 -26.37 -27.55 14.41
N ASP A 422 -25.97 -28.68 14.99
CA ASP A 422 -26.43 -29.03 16.33
C ASP A 422 -25.84 -28.08 17.35
N SER A 423 -26.69 -27.57 18.23
CA SER A 423 -26.31 -26.38 18.98
C SER A 423 -25.33 -26.70 20.10
N GLY A 424 -25.83 -27.24 21.20
CA GLY A 424 -25.03 -27.18 22.45
C GLY A 424 -25.03 -25.82 23.14
N SER A 425 -24.85 -24.74 22.38
CA SER A 425 -24.80 -23.33 22.77
C SER A 425 -23.68 -23.02 23.76
N THR A 426 -22.67 -23.88 23.85
CA THR A 426 -21.54 -23.67 24.73
C THR A 426 -20.26 -23.71 23.93
N GLY A 427 -19.26 -22.97 24.42
CA GLY A 427 -18.06 -22.72 23.65
C GLY A 427 -17.14 -23.92 23.56
N GLU A 428 -16.88 -24.58 24.69
CA GLU A 428 -16.00 -25.74 24.70
C GLU A 428 -16.60 -26.90 23.95
N HIS A 429 -17.92 -26.97 23.88
CA HIS A 429 -18.56 -27.92 22.98
C HIS A 429 -18.36 -27.48 21.54
N THR A 430 -18.45 -26.19 21.27
CA THR A 430 -18.21 -25.69 19.92
C THR A 430 -16.74 -25.76 19.57
N LYS A 431 -15.87 -25.52 20.55
CA LYS A 431 -14.44 -25.63 20.36
C LYS A 431 -14.03 -27.04 20.00
N SER A 432 -14.71 -28.03 20.60
CA SER A 432 -14.41 -29.43 20.35
C SER A 432 -14.70 -29.83 18.93
N LEU A 433 -15.73 -29.28 18.30
CA LEU A 433 -16.06 -29.67 16.93
C LEU A 433 -15.09 -29.07 15.94
N VAL A 434 -14.68 -27.82 16.15
CA VAL A 434 -13.84 -27.13 15.19
C VAL A 434 -12.44 -27.71 15.19
N THR A 435 -11.90 -27.98 16.37
CA THR A 435 -10.58 -28.57 16.49
C THR A 435 -10.52 -29.99 15.96
N GLN A 436 -11.51 -30.83 16.30
CA GLN A 436 -11.49 -32.21 15.85
C GLN A 436 -11.69 -32.34 14.36
N TYR A 437 -12.55 -31.51 13.76
CA TYR A 437 -12.74 -31.59 12.33
C TYR A 437 -11.52 -31.07 11.59
N LEU A 438 -10.78 -30.15 12.20
CA LEU A 438 -9.50 -29.77 11.64
C LEU A 438 -8.43 -30.81 11.91
N ASN A 439 -8.43 -31.41 13.10
CA ASN A 439 -7.43 -32.42 13.44
C ASN A 439 -7.60 -33.69 12.60
N ALA A 440 -8.83 -34.10 12.36
CA ALA A 440 -9.04 -35.36 11.65
C ALA A 440 -8.74 -35.23 10.17
N THR A 441 -8.86 -34.02 9.64
CA THR A 441 -8.44 -33.79 8.25
C THR A 441 -7.00 -33.32 8.17
N GLY A 442 -6.48 -32.78 9.26
CA GLY A 442 -5.12 -32.28 9.23
C GLY A 442 -5.08 -30.77 9.09
N ASN A 443 -4.92 -30.31 7.87
CA ASN A 443 -4.90 -28.87 7.64
C ASN A 443 -5.49 -28.47 6.29
N ARG A 444 -6.43 -29.24 5.75
CA ARG A 444 -6.92 -28.92 4.42
C ARG A 444 -7.88 -27.75 4.46
N TRP A 445 -8.53 -27.51 3.32
CA TRP A 445 -9.45 -26.39 3.22
C TRP A 445 -10.86 -26.88 3.58
N CYS A 446 -11.46 -26.27 4.60
CA CYS A 446 -12.78 -26.62 5.08
C CYS A 446 -13.83 -25.81 4.32
N SER A 447 -15.05 -25.77 4.81
CA SER A 447 -16.07 -24.85 4.30
C SER A 447 -17.08 -24.65 5.41
N TRP A 448 -16.95 -23.56 6.15
CA TRP A 448 -17.64 -23.42 7.41
C TRP A 448 -19.04 -22.89 7.19
N SER A 449 -20.02 -23.79 7.21
CA SER A 449 -21.41 -23.42 7.07
C SER A 449 -22.22 -24.21 8.06
N LEU A 450 -23.31 -23.61 8.53
CA LEU A 450 -24.16 -24.35 9.45
C LEU A 450 -24.92 -25.47 8.75
N SER A 451 -25.57 -25.19 7.63
CA SER A 451 -26.33 -26.22 6.94
C SER A 451 -26.01 -26.19 5.47
N GLN A 452 -26.62 -27.10 4.74
CA GLN A 452 -26.42 -27.19 3.30
C GLN A 452 -27.42 -26.35 2.50
N ALA A 453 -28.56 -26.01 3.06
CA ALA A 453 -29.53 -25.24 2.31
C ALA A 453 -30.11 -24.08 3.10
N ARG A 454 -30.30 -24.26 4.39
CA ARG A 454 -31.15 -23.34 5.11
C ARG A 454 -30.37 -22.13 5.58
N LEU A 455 -31.01 -21.36 6.44
CA LEU A 455 -30.48 -20.10 6.93
C LEU A 455 -29.82 -20.29 8.28
N LEU A 456 -29.30 -19.21 8.83
CA LEU A 456 -28.72 -19.32 10.15
C LEU A 456 -29.79 -19.14 11.23
N THR A 457 -30.88 -18.47 10.92
CA THR A 457 -31.93 -18.27 11.91
C THR A 457 -32.78 -19.51 12.11
N SER A 458 -32.66 -20.50 11.22
CA SER A 458 -33.25 -21.80 11.49
C SER A 458 -32.64 -22.47 12.70
N PHE A 459 -31.35 -22.24 12.96
CA PHE A 459 -30.63 -23.00 13.97
C PHE A 459 -30.11 -22.14 15.10
N LEU A 460 -30.36 -20.85 15.10
CA LEU A 460 -29.79 -19.98 16.12
C LEU A 460 -30.87 -19.09 16.69
N PRO A 461 -30.75 -18.70 17.95
CA PRO A 461 -31.64 -17.67 18.50
C PRO A 461 -31.24 -16.28 18.04
N ALA A 462 -31.97 -15.30 18.57
CA ALA A 462 -31.87 -13.93 18.07
C ALA A 462 -30.58 -13.23 18.45
N GLN A 463 -29.89 -13.69 19.49
CA GLN A 463 -28.71 -12.97 19.95
C GLN A 463 -27.41 -13.63 19.52
N LEU A 464 -27.45 -14.86 19.05
CA LEU A 464 -26.25 -15.52 18.56
C LEU A 464 -25.99 -15.27 17.09
N LEU A 465 -26.87 -14.52 16.42
CA LEU A 465 -26.66 -14.24 15.01
C LEU A 465 -25.47 -13.34 14.81
N ARG A 466 -25.29 -12.35 15.66
CA ARG A 466 -24.17 -11.44 15.58
C ARG A 466 -22.87 -12.09 15.97
N LEU A 467 -22.90 -13.28 16.57
CA LEU A 467 -21.75 -13.88 17.19
C LEU A 467 -21.16 -15.02 16.39
N TYR A 468 -21.95 -15.70 15.55
CA TYR A 468 -21.32 -16.73 14.74
C TYR A 468 -20.54 -16.15 13.58
N GLN A 469 -21.27 -15.24 12.93
CA GLN A 469 -20.88 -14.55 11.74
C GLN A 469 -19.42 -14.28 11.81
N LEU A 470 -19.03 -13.60 12.87
CA LEU A 470 -17.66 -13.23 13.06
C LEU A 470 -16.83 -14.48 13.09
N MET A 471 -17.22 -15.49 13.85
CA MET A 471 -16.44 -16.73 13.91
C MET A 471 -16.38 -17.40 12.55
N LEU A 472 -17.48 -17.37 11.81
CA LEU A 472 -17.52 -17.97 10.50
C LEU A 472 -16.56 -17.30 9.53
N PHE A 473 -16.40 -15.98 9.63
CA PHE A 473 -15.55 -15.27 8.68
C PHE A 473 -14.07 -15.33 9.01
N THR A 474 -13.73 -16.01 10.09
CA THR A 474 -12.37 -16.04 10.60
C THR A 474 -11.75 -17.43 10.67
N LEU A 475 -12.53 -18.49 10.64
CA LEU A 475 -11.99 -19.84 10.68
C LEU A 475 -11.28 -20.18 9.37
N PRO A 476 -10.35 -21.13 9.38
CA PRO A 476 -9.68 -21.50 8.13
C PRO A 476 -10.55 -22.22 7.13
N GLY A 477 -11.05 -21.51 6.14
CA GLY A 477 -11.85 -22.14 5.12
C GLY A 477 -12.77 -21.13 4.47
N THR A 478 -13.65 -21.64 3.62
CA THR A 478 -14.56 -20.84 2.82
C THR A 478 -15.88 -20.72 3.54
N PRO A 479 -16.24 -19.56 4.09
CA PRO A 479 -17.58 -19.43 4.66
C PRO A 479 -18.59 -19.50 3.54
N VAL A 480 -19.67 -20.23 3.78
CA VAL A 480 -20.75 -20.35 2.81
C VAL A 480 -22.03 -19.86 3.47
N PHE A 481 -22.69 -18.89 2.83
CA PHE A 481 -23.85 -18.21 3.37
C PHE A 481 -25.04 -18.40 2.44
N SER A 482 -26.23 -18.04 2.93
CA SER A 482 -27.43 -17.97 2.13
C SER A 482 -27.96 -16.56 2.12
N TYR A 483 -28.96 -16.30 1.28
CA TYR A 483 -29.50 -14.95 1.20
C TYR A 483 -30.29 -14.65 2.46
N GLY A 484 -30.09 -13.46 2.99
CA GLY A 484 -30.75 -13.08 4.21
C GLY A 484 -29.98 -13.36 5.46
N ASP A 485 -28.86 -14.08 5.38
CA ASP A 485 -28.03 -14.34 6.53
C ASP A 485 -27.39 -13.09 7.09
N GLU A 486 -27.19 -12.08 6.25
CA GLU A 486 -26.61 -10.83 6.67
C GLU A 486 -27.61 -9.88 7.31
N ILE A 487 -28.90 -10.07 7.08
CA ILE A 487 -29.90 -9.19 7.64
C ILE A 487 -30.67 -9.84 8.76
N GLY A 488 -30.38 -11.10 9.08
CA GLY A 488 -31.10 -11.79 10.12
C GLY A 488 -32.48 -12.17 9.67
N LEU A 489 -32.56 -12.80 8.50
CA LEU A 489 -33.84 -13.10 7.88
C LEU A 489 -34.51 -14.23 8.66
N ASP A 490 -35.46 -13.86 9.51
CA ASP A 490 -36.16 -14.83 10.36
C ASP A 490 -37.53 -15.11 9.76
N ALA A 491 -37.75 -16.37 9.39
CA ALA A 491 -39.06 -16.79 8.92
C ALA A 491 -40.08 -16.88 10.03
N ALA A 492 -39.64 -17.10 11.26
CA ALA A 492 -40.58 -17.17 12.37
C ALA A 492 -41.13 -15.80 12.77
N ALA A 493 -40.42 -14.73 12.43
CA ALA A 493 -40.83 -13.39 12.81
C ALA A 493 -41.81 -12.77 11.83
N LEU A 494 -42.24 -13.52 10.84
CA LEU A 494 -43.07 -12.98 9.75
C LEU A 494 -43.95 -14.10 9.24
N PRO A 495 -45.25 -14.09 9.56
CA PRO A 495 -46.12 -15.20 9.20
C PRO A 495 -46.41 -15.21 7.70
N GLY A 496 -47.02 -16.31 7.27
CA GLY A 496 -47.46 -16.46 5.89
C GLY A 496 -46.33 -16.51 4.90
N GLN A 497 -45.47 -17.52 5.02
CA GLN A 497 -44.18 -17.50 4.37
C GLN A 497 -43.62 -18.92 4.33
N PRO A 498 -42.99 -19.31 3.23
CA PRO A 498 -42.42 -20.66 3.09
C PRO A 498 -41.06 -20.74 3.77
N MET A 499 -40.89 -21.70 4.66
CA MET A 499 -39.64 -21.88 5.39
C MET A 499 -38.48 -22.20 4.46
N GLU A 500 -38.74 -22.98 3.42
CA GLU A 500 -37.68 -23.38 2.51
C GLU A 500 -37.03 -22.20 1.79
N ALA A 501 -37.84 -21.22 1.37
CA ALA A 501 -37.33 -20.05 0.67
C ALA A 501 -38.14 -18.82 1.02
N PRO A 502 -37.74 -18.11 2.07
CA PRO A 502 -38.45 -16.92 2.55
C PRO A 502 -38.23 -15.71 1.65
N VAL A 503 -39.20 -14.81 1.74
CA VAL A 503 -39.24 -13.60 0.95
C VAL A 503 -37.90 -12.92 1.00
N MET A 504 -37.25 -12.76 -0.14
CA MET A 504 -35.98 -12.08 -0.08
C MET A 504 -36.50 -10.70 0.13
N LEU A 505 -36.23 -10.16 1.31
CA LEU A 505 -36.71 -8.84 1.60
C LEU A 505 -35.72 -7.85 1.09
N TRP A 506 -36.19 -6.62 0.84
CA TRP A 506 -35.32 -5.54 0.42
C TRP A 506 -35.68 -4.23 1.12
N ASP A 507 -36.96 -3.90 1.17
CA ASP A 507 -37.42 -2.57 1.59
C ASP A 507 -38.63 -2.74 2.50
N GLU A 508 -39.35 -1.63 2.73
CA GLU A 508 -40.59 -1.74 3.48
C GLU A 508 -41.72 -2.30 2.63
N SER A 509 -41.61 -2.20 1.30
CA SER A 509 -42.61 -2.74 0.39
C SER A 509 -42.26 -4.15 -0.07
N SER A 510 -41.54 -4.90 0.77
CA SER A 510 -41.03 -6.20 0.37
C SER A 510 -41.96 -7.35 0.69
N PHE A 511 -42.85 -7.20 1.67
CA PHE A 511 -43.81 -8.24 2.01
C PHE A 511 -45.19 -7.73 1.63
N PRO A 512 -45.67 -8.01 0.42
CA PRO A 512 -46.89 -7.38 -0.08
C PRO A 512 -48.18 -7.97 0.47
N ASP A 513 -48.14 -9.06 1.23
CA ASP A 513 -49.37 -9.69 1.67
C ASP A 513 -49.96 -8.95 2.87
N ILE A 514 -49.21 -8.86 3.96
CA ILE A 514 -49.64 -8.15 5.14
C ILE A 514 -48.78 -6.90 5.28
N PRO A 515 -49.32 -5.71 5.04
CA PRO A 515 -48.55 -4.49 5.27
C PRO A 515 -48.45 -4.20 6.76
N GLY A 516 -47.35 -3.55 7.12
CA GLY A 516 -47.12 -3.20 8.51
C GLY A 516 -46.53 -4.29 9.37
N ALA A 517 -46.34 -5.48 8.82
CA ALA A 517 -45.69 -6.57 9.55
C ALA A 517 -44.18 -6.54 9.42
N VAL A 518 -43.64 -5.58 8.67
CA VAL A 518 -42.20 -5.44 8.47
C VAL A 518 -41.79 -4.08 9.01
N SER A 519 -40.83 -4.09 9.93
CA SER A 519 -40.31 -2.87 10.51
C SER A 519 -39.19 -2.33 9.64
N ALA A 520 -38.71 -1.14 9.98
CA ALA A 520 -37.62 -0.50 9.22
C ALA A 520 -36.32 -1.27 9.27
N ASN A 521 -36.01 -1.81 10.44
CA ASN A 521 -34.78 -2.56 10.65
C ASN A 521 -34.66 -3.83 9.80
N MET A 522 -35.78 -4.50 9.57
CA MET A 522 -35.78 -5.77 8.86
C MET A 522 -35.27 -5.80 7.41
N THR A 523 -35.54 -4.80 6.59
CA THR A 523 -35.07 -4.87 5.21
C THR A 523 -33.65 -4.36 4.93
N VAL A 524 -33.16 -4.74 3.76
CA VAL A 524 -31.83 -4.39 3.26
C VAL A 524 -31.59 -2.89 3.40
N LYS A 525 -32.59 -2.10 3.04
CA LYS A 525 -32.45 -0.64 2.98
C LYS A 525 -32.32 -0.02 4.36
N GLY A 526 -33.12 -0.47 5.32
CA GLY A 526 -33.10 0.15 6.63
C GLY A 526 -31.85 -0.10 7.42
N GLN A 527 -31.17 -1.21 7.15
CA GLN A 527 -29.92 -1.53 7.81
C GLN A 527 -28.70 -1.03 7.07
N SER A 528 -28.86 -0.62 5.81
CA SER A 528 -27.73 -0.18 5.02
C SER A 528 -27.22 1.19 5.42
N GLU A 529 -27.87 1.85 6.38
CA GLU A 529 -27.43 3.15 6.86
C GLU A 529 -27.07 3.17 8.34
N ASP A 530 -27.42 2.12 9.08
CA ASP A 530 -27.08 2.07 10.50
C ASP A 530 -25.69 1.46 10.65
N PRO A 531 -24.74 2.12 11.30
CA PRO A 531 -23.43 1.50 11.52
C PRO A 531 -23.42 0.41 12.58
N GLY A 532 -24.52 0.20 13.30
CA GLY A 532 -24.61 -0.85 14.29
C GLY A 532 -25.49 -2.03 13.91
N SER A 533 -25.88 -2.15 12.64
CA SER A 533 -26.79 -3.20 12.24
C SER A 533 -26.04 -4.49 11.94
N LEU A 534 -26.80 -5.55 11.75
CA LEU A 534 -26.19 -6.85 11.44
C LEU A 534 -25.62 -6.87 10.04
N LEU A 535 -26.27 -6.19 9.09
CA LEU A 535 -25.71 -6.09 7.75
C LEU A 535 -24.46 -5.20 7.74
N SER A 536 -24.38 -4.25 8.66
CA SER A 536 -23.19 -3.45 8.77
C SER A 536 -22.03 -4.26 9.32
N LEU A 537 -22.34 -5.28 10.12
CA LEU A 537 -21.32 -6.20 10.59
C LEU A 537 -20.82 -7.11 9.48
N PHE A 538 -21.69 -7.47 8.54
CA PHE A 538 -21.33 -8.40 7.47
C PHE A 538 -20.35 -7.77 6.50
N ARG A 539 -20.47 -6.46 6.24
CA ARG A 539 -19.60 -5.84 5.26
C ARG A 539 -18.22 -5.54 5.80
N ARG A 540 -18.10 -5.30 7.10
CA ARG A 540 -16.77 -5.11 7.66
C ARG A 540 -15.99 -6.41 7.71
N LEU A 541 -16.66 -7.51 7.99
CA LEU A 541 -15.98 -8.80 8.10
C LEU A 541 -15.60 -9.33 6.74
N SER A 542 -16.51 -9.24 5.76
CA SER A 542 -16.19 -9.71 4.43
C SER A 542 -15.19 -8.80 3.73
N ASP A 543 -15.00 -7.58 4.24
CA ASP A 543 -13.89 -6.75 3.79
C ASP A 543 -12.57 -7.37 4.20
N GLN A 544 -12.36 -7.52 5.52
CA GLN A 544 -11.12 -8.00 6.12
C GLN A 544 -10.75 -9.40 5.67
N ARG A 545 -11.72 -10.27 5.44
CA ARG A 545 -11.47 -11.63 4.97
C ARG A 545 -10.87 -11.63 3.57
N SER A 546 -11.24 -10.64 2.76
CA SER A 546 -10.80 -10.61 1.37
C SER A 546 -9.55 -9.76 1.17
N LYS A 547 -9.05 -9.15 2.25
CA LYS A 547 -7.83 -8.36 2.14
C LYS A 547 -6.71 -8.75 3.10
N GLU A 548 -6.99 -9.18 4.32
CA GLU A 548 -5.93 -9.40 5.30
C GLU A 548 -5.34 -10.77 5.04
N ARG A 549 -4.02 -10.83 4.93
CA ARG A 549 -3.39 -12.05 4.47
C ARG A 549 -3.32 -13.10 5.57
N SER A 550 -3.56 -12.71 6.83
CA SER A 550 -3.77 -13.69 7.87
C SER A 550 -5.11 -14.40 7.72
N LEU A 551 -6.19 -13.65 7.56
CA LEU A 551 -7.50 -14.27 7.41
C LEU A 551 -7.70 -14.91 6.05
N LEU A 552 -6.84 -14.62 5.08
CA LEU A 552 -6.90 -15.33 3.81
C LEU A 552 -6.36 -16.73 3.94
N HIS A 553 -5.11 -16.89 4.35
CA HIS A 553 -4.49 -18.21 4.41
C HIS A 553 -3.48 -18.31 5.52
N GLY A 554 -3.66 -17.58 6.58
CA GLY A 554 -2.83 -17.75 7.73
C GLY A 554 -3.21 -18.97 8.53
N ASP A 555 -2.31 -19.38 9.41
CA ASP A 555 -2.53 -20.63 10.10
C ASP A 555 -3.40 -20.41 11.34
N PHE A 556 -4.02 -21.50 11.77
CA PHE A 556 -5.03 -21.49 12.82
C PHE A 556 -4.47 -22.15 14.05
N HIS A 557 -4.50 -21.46 15.18
CA HIS A 557 -4.22 -22.10 16.46
C HIS A 557 -5.13 -21.51 17.52
N ALA A 558 -5.95 -22.35 18.14
CA ALA A 558 -6.75 -21.93 19.28
C ALA A 558 -5.99 -22.20 20.56
N PHE A 559 -6.45 -21.58 21.64
CA PHE A 559 -5.89 -21.82 22.95
C PHE A 559 -6.98 -21.79 24.01
N SER A 560 -6.61 -22.23 25.20
CA SER A 560 -7.55 -22.36 26.29
C SER A 560 -7.73 -21.04 27.04
N ALA A 561 -8.93 -20.87 27.59
CA ALA A 561 -9.35 -19.68 28.30
C ALA A 561 -10.34 -20.14 29.35
N GLY A 562 -11.25 -19.26 29.75
CA GLY A 562 -12.28 -19.59 30.72
C GLY A 562 -13.26 -20.67 30.29
N PRO A 563 -14.28 -20.92 31.12
CA PRO A 563 -15.16 -22.08 30.86
C PRO A 563 -16.08 -21.88 29.69
N GLY A 564 -16.63 -20.68 29.51
CA GLY A 564 -17.58 -20.44 28.46
C GLY A 564 -17.05 -19.56 27.34
N LEU A 565 -15.83 -19.81 26.88
CA LEU A 565 -15.24 -19.04 25.80
C LEU A 565 -14.78 -19.95 24.66
N PHE A 566 -14.38 -19.32 23.57
CA PHE A 566 -13.67 -19.96 22.47
C PHE A 566 -12.81 -18.92 21.80
N SER A 567 -11.52 -18.95 22.06
CA SER A 567 -10.61 -17.98 21.49
C SER A 567 -9.61 -18.65 20.58
N TYR A 568 -9.16 -17.93 19.55
CA TYR A 568 -8.25 -18.50 18.58
C TYR A 568 -7.52 -17.37 17.86
N ILE A 569 -6.45 -17.75 17.16
CA ILE A 569 -5.53 -16.81 16.55
C ILE A 569 -5.28 -17.22 15.11
N ARG A 570 -5.41 -16.27 14.19
CA ARG A 570 -4.97 -16.44 12.83
C ARG A 570 -3.68 -15.67 12.64
N HIS A 571 -2.69 -16.29 11.99
CA HIS A 571 -1.40 -15.65 11.85
C HIS A 571 -0.64 -16.23 10.66
N TRP A 572 -0.22 -15.37 9.74
CA TRP A 572 0.65 -15.75 8.66
C TRP A 572 2.04 -15.12 8.89
N ASP A 573 2.97 -15.32 7.94
CA ASP A 573 4.42 -15.22 7.98
C ASP A 573 4.95 -14.07 8.79
N GLN A 574 4.72 -12.84 8.32
CA GLN A 574 5.10 -11.65 9.08
C GLN A 574 4.03 -10.57 9.04
N ASN A 575 2.83 -10.91 8.58
CA ASN A 575 1.77 -9.93 8.43
C ASN A 575 1.09 -9.71 9.76
N GLU A 576 -0.06 -9.03 9.72
CA GLU A 576 -0.81 -8.63 10.90
C GLU A 576 -1.41 -9.86 11.56
N ARG A 577 -1.27 -9.97 12.87
CA ARG A 577 -1.88 -11.09 13.58
C ARG A 577 -3.28 -10.72 14.09
N PHE A 578 -4.14 -11.71 14.21
CA PHE A 578 -5.52 -11.53 14.63
C PHE A 578 -5.86 -12.37 15.85
N LEU A 579 -6.79 -11.87 16.65
CA LEU A 579 -7.22 -12.50 17.89
C LEU A 579 -8.73 -12.41 17.99
N VAL A 580 -9.40 -13.56 18.11
CA VAL A 580 -10.86 -13.60 18.18
C VAL A 580 -11.24 -14.11 19.56
N VAL A 581 -12.21 -13.46 20.20
CA VAL A 581 -12.69 -13.85 21.52
C VAL A 581 -14.20 -13.93 21.49
N LEU A 582 -14.74 -15.11 21.74
CA LEU A 582 -16.15 -15.37 21.62
C LEU A 582 -16.71 -15.89 22.94
N ASN A 583 -17.85 -15.37 23.35
CA ASN A 583 -18.49 -15.76 24.60
C ASN A 583 -19.87 -16.30 24.27
N PHE A 584 -20.00 -17.62 24.23
CA PHE A 584 -21.24 -18.28 23.89
C PHE A 584 -22.21 -18.43 25.05
N GLY A 585 -21.88 -17.92 26.24
CA GLY A 585 -22.78 -18.01 27.37
C GLY A 585 -23.35 -16.66 27.77
N ASP A 586 -24.38 -16.64 28.64
CA ASP A 586 -24.96 -15.38 29.07
C ASP A 586 -24.52 -14.96 30.47
N VAL A 587 -23.24 -15.15 30.80
CA VAL A 587 -22.69 -14.71 32.08
C VAL A 587 -21.42 -13.91 31.79
N GLY A 588 -21.43 -12.64 32.20
CA GLY A 588 -20.33 -11.74 31.95
C GLY A 588 -19.05 -12.13 32.67
N LEU A 589 -17.99 -12.39 31.92
CA LEU A 589 -16.76 -12.90 32.49
C LEU A 589 -15.58 -11.98 32.22
N SER A 590 -14.42 -12.46 32.64
CA SER A 590 -13.13 -11.93 32.23
C SER A 590 -12.47 -12.91 31.27
N ALA A 591 -11.27 -12.55 30.80
CA ALA A 591 -10.65 -13.33 29.75
C ALA A 591 -9.95 -14.57 30.28
N GLY A 592 -8.85 -14.38 31.01
CA GLY A 592 -8.01 -15.50 31.37
C GLY A 592 -7.35 -16.18 30.19
N LEU A 593 -6.96 -15.41 29.17
CA LEU A 593 -6.42 -15.98 27.95
C LEU A 593 -4.99 -16.46 28.19
N GLN A 594 -4.84 -17.62 28.81
CA GLN A 594 -3.52 -18.19 29.05
C GLN A 594 -3.05 -18.82 27.75
N ALA A 595 -1.99 -18.27 27.17
CA ALA A 595 -1.51 -18.81 25.91
C ALA A 595 -0.79 -20.13 26.15
N SER A 596 0.40 -20.08 26.77
CA SER A 596 1.16 -21.22 27.29
C SER A 596 1.56 -22.29 26.29
N ASP A 597 1.14 -22.15 25.03
CA ASP A 597 1.30 -23.20 24.03
C ASP A 597 1.66 -22.66 22.66
N LEU A 598 1.41 -21.38 22.40
CA LEU A 598 1.63 -20.80 21.10
C LEU A 598 3.12 -20.67 20.83
N PRO A 599 3.53 -20.64 19.56
CA PRO A 599 4.94 -20.39 19.27
C PRO A 599 5.34 -18.94 19.55
N ALA A 600 6.63 -18.64 19.44
CA ALA A 600 7.06 -17.26 19.60
C ALA A 600 6.66 -16.42 18.41
N SER A 601 6.51 -17.04 17.24
CA SER A 601 6.04 -16.35 16.04
C SER A 601 4.61 -15.86 16.17
N ALA A 602 3.80 -16.53 17.00
CA ALA A 602 2.44 -16.10 17.30
C ALA A 602 2.26 -15.84 18.78
N SER A 603 3.33 -15.44 19.47
CA SER A 603 3.24 -15.16 20.89
C SER A 603 2.43 -13.90 21.13
N LEU A 604 1.67 -13.89 22.21
CA LEU A 604 0.79 -12.75 22.46
C LEU A 604 1.59 -11.59 23.06
N PRO A 605 1.22 -10.36 22.74
CA PRO A 605 1.75 -9.23 23.48
C PRO A 605 0.92 -8.97 24.71
N ALA A 606 1.24 -7.93 25.45
CA ALA A 606 0.43 -7.56 26.61
C ALA A 606 -0.79 -6.76 26.19
N LYS A 607 -0.59 -5.81 25.27
CA LYS A 607 -1.69 -4.99 24.75
C LYS A 607 -1.86 -5.18 23.26
N ALA A 608 -3.09 -4.98 22.78
CA ALA A 608 -3.39 -5.11 21.37
C ALA A 608 -4.60 -4.26 21.03
N ASP A 609 -4.55 -3.63 19.86
CA ASP A 609 -5.63 -2.77 19.41
C ASP A 609 -6.89 -3.56 19.13
N LEU A 610 -8.03 -2.93 19.40
CA LEU A 610 -9.33 -3.52 19.13
C LEU A 610 -9.76 -3.15 17.73
N LEU A 611 -10.27 -4.12 16.98
CA LEU A 611 -10.73 -3.86 15.64
C LEU A 611 -12.24 -3.65 15.59
N LEU A 612 -13.02 -4.54 16.19
CA LEU A 612 -14.46 -4.35 16.25
C LEU A 612 -15.02 -5.16 17.42
N SER A 613 -16.33 -5.10 17.54
CA SER A 613 -17.08 -5.85 18.55
C SER A 613 -18.42 -6.21 17.95
N THR A 614 -19.15 -7.07 18.65
CA THR A 614 -20.53 -7.33 18.25
C THR A 614 -21.50 -6.45 19.01
N GLN A 615 -21.26 -6.27 20.29
CA GLN A 615 -22.06 -5.34 21.05
C GLN A 615 -21.44 -3.95 20.96
N PRO A 616 -22.24 -2.90 20.89
CA PRO A 616 -21.68 -1.55 20.95
C PRO A 616 -21.34 -1.16 22.38
N GLY A 617 -20.34 -0.30 22.50
CA GLY A 617 -19.89 0.12 23.82
C GLY A 617 -18.41 -0.09 24.05
N ARG A 618 -17.63 -0.06 22.98
CA ARG A 618 -16.19 -0.19 23.06
C ARG A 618 -15.50 0.98 22.36
N GLU A 619 -14.24 1.20 22.71
CA GLU A 619 -13.41 2.22 22.04
C GLU A 619 -12.61 1.56 20.94
N GLU A 620 -13.08 1.69 19.70
CA GLU A 620 -12.41 1.06 18.57
C GLU A 620 -11.16 1.87 18.25
N GLY A 621 -10.01 1.28 18.53
CA GLY A 621 -8.74 1.89 18.21
C GLY A 621 -7.80 1.89 19.40
N SER A 622 -8.36 1.74 20.58
CA SER A 622 -7.57 1.81 21.80
C SER A 622 -7.02 0.42 22.15
N PRO A 623 -5.74 0.30 22.44
CA PRO A 623 -5.18 -1.01 22.81
C PRO A 623 -5.62 -1.49 24.18
N LEU A 624 -6.35 -2.60 24.22
CA LEU A 624 -6.82 -3.16 25.47
C LEU A 624 -5.79 -4.11 26.07
N GLU A 625 -5.94 -4.39 27.35
CA GLU A 625 -5.08 -5.33 28.05
C GLU A 625 -5.77 -6.67 28.15
N LEU A 626 -5.06 -7.73 27.78
CA LEU A 626 -5.69 -9.02 27.60
C LEU A 626 -5.89 -9.74 28.93
N GLU A 627 -4.99 -9.52 29.87
CA GLU A 627 -5.18 -10.08 31.21
C GLU A 627 -6.27 -9.36 31.99
N ARG A 628 -6.58 -8.13 31.63
CA ARG A 628 -7.66 -7.37 32.28
C ARG A 628 -8.81 -7.15 31.31
N LEU A 629 -8.99 -8.07 30.38
CA LEU A 629 -10.10 -8.05 29.44
C LEU A 629 -11.31 -8.69 30.10
N LYS A 630 -12.38 -7.92 30.26
CA LYS A 630 -13.63 -8.44 30.76
C LYS A 630 -14.63 -8.53 29.62
N LEU A 631 -15.37 -9.63 29.58
CA LEU A 631 -16.30 -9.91 28.50
C LEU A 631 -17.72 -9.70 28.97
N GLU A 632 -18.55 -9.32 28.04
CA GLU A 632 -19.97 -9.12 28.28
C GLU A 632 -20.74 -10.34 27.82
N PRO A 633 -21.95 -10.57 28.35
CA PRO A 633 -22.75 -11.72 27.90
C PRO A 633 -23.14 -11.56 26.45
N HIS A 634 -22.73 -12.53 25.64
CA HIS A 634 -22.84 -12.54 24.18
C HIS A 634 -22.16 -11.30 23.59
N GLU A 635 -20.84 -11.28 23.66
CA GLU A 635 -20.06 -10.30 22.93
C GLU A 635 -18.88 -11.01 22.28
N GLY A 636 -18.68 -10.77 21.00
CA GLY A 636 -17.50 -11.19 20.29
C GLY A 636 -16.52 -10.03 20.21
N LEU A 637 -15.25 -10.35 20.07
CA LEU A 637 -14.21 -9.36 19.87
C LEU A 637 -13.25 -9.86 18.81
N LEU A 638 -12.89 -8.98 17.90
CA LEU A 638 -11.80 -9.24 16.97
C LEU A 638 -10.74 -8.19 17.25
N LEU A 639 -9.54 -8.61 17.61
CA LEU A 639 -8.45 -7.68 17.87
C LEU A 639 -7.33 -7.91 16.88
N ARG A 640 -6.32 -7.04 16.95
CA ARG A 640 -5.15 -7.24 16.11
C ARG A 640 -3.93 -6.65 16.79
N PHE A 641 -2.78 -7.21 16.44
CA PHE A 641 -1.50 -6.87 17.01
C PHE A 641 -0.46 -7.29 15.98
N PRO A 642 0.60 -6.52 15.80
CA PRO A 642 1.50 -6.75 14.68
C PRO A 642 2.53 -7.84 14.99
N TYR A 643 3.24 -8.24 13.94
CA TYR A 643 4.34 -9.18 14.09
C TYR A 643 5.48 -8.52 14.84
N ALA A 644 5.94 -9.18 15.90
CA ALA A 644 7.01 -8.64 16.73
C ALA A 644 7.70 -9.82 17.40
N ALA A 645 8.58 -9.51 18.35
CA ALA A 645 9.24 -10.53 19.15
C ALA A 645 9.57 -10.00 20.55
N THR B 71 18.06 26.56 -28.69
CA THR B 71 17.44 25.63 -29.62
C THR B 71 16.00 25.42 -29.16
N LEU B 72 15.09 25.22 -30.10
CA LEU B 72 13.66 25.25 -29.79
C LEU B 72 13.23 24.03 -28.97
N LEU B 73 13.64 22.84 -29.38
CA LEU B 73 13.17 21.64 -28.71
C LEU B 73 14.11 21.24 -27.59
N ASN B 74 15.39 21.61 -27.72
CA ASN B 74 16.38 21.17 -26.73
C ASN B 74 16.27 21.99 -25.45
N GLY B 75 15.49 23.05 -25.47
CA GLY B 75 15.15 23.71 -24.22
C GLY B 75 14.24 22.85 -23.36
N VAL B 76 13.53 21.91 -23.98
CA VAL B 76 12.61 21.07 -23.25
C VAL B 76 13.27 19.75 -22.88
N ALA B 77 14.09 19.20 -23.79
CA ALA B 77 14.64 17.87 -23.58
C ALA B 77 15.68 17.86 -22.47
N ILE B 78 16.40 18.97 -22.30
CA ILE B 78 17.30 19.09 -21.17
C ILE B 78 16.50 19.27 -19.89
N ILE B 79 15.40 20.01 -19.98
CA ILE B 79 14.71 20.43 -18.77
C ILE B 79 13.73 19.35 -18.30
N VAL B 80 13.43 18.38 -19.16
CA VAL B 80 12.51 17.34 -18.73
C VAL B 80 13.23 16.28 -17.91
N GLY B 81 14.47 15.92 -18.29
CA GLY B 81 15.19 14.92 -17.54
C GLY B 81 15.75 15.47 -16.25
N THR B 82 15.84 16.78 -16.16
CA THR B 82 16.23 17.42 -14.92
C THR B 82 15.13 17.29 -13.87
N ILE B 83 13.88 17.50 -14.28
CA ILE B 83 12.80 17.56 -13.31
C ILE B 83 12.27 16.16 -13.03
N ILE B 84 12.45 15.21 -13.95
CA ILE B 84 12.13 13.83 -13.63
C ILE B 84 13.18 13.29 -12.67
N GLY B 85 12.79 13.12 -11.41
CA GLY B 85 13.71 12.64 -10.41
C GLY B 85 13.47 11.18 -10.13
N SER B 86 14.27 10.64 -9.20
CA SER B 86 14.06 9.27 -8.76
C SER B 86 13.05 9.17 -7.62
N GLY B 87 12.37 10.25 -7.29
CA GLY B 87 11.29 10.20 -6.31
C GLY B 87 9.99 9.65 -6.86
N ILE B 88 9.97 9.24 -8.13
CA ILE B 88 8.76 8.62 -8.68
C ILE B 88 8.69 7.16 -8.27
N PHE B 89 9.78 6.61 -7.77
CA PHE B 89 9.73 5.21 -7.36
C PHE B 89 9.41 5.10 -5.89
N VAL B 90 9.21 6.22 -5.22
CA VAL B 90 9.01 6.22 -3.78
C VAL B 90 7.59 6.61 -3.44
N THR B 91 7.23 7.81 -3.81
CA THR B 91 6.04 8.57 -3.54
C THR B 91 4.66 8.07 -4.00
N PRO B 92 4.49 7.16 -4.99
CA PRO B 92 3.14 6.62 -5.20
C PRO B 92 2.57 5.87 -4.00
N THR B 93 3.41 5.26 -3.18
CA THR B 93 2.92 4.63 -1.97
C THR B 93 2.51 5.66 -0.94
N GLY B 94 3.13 6.84 -1.02
CA GLY B 94 2.93 7.81 0.03
C GLY B 94 1.74 8.70 -0.23
N VAL B 95 1.38 8.89 -1.49
CA VAL B 95 0.12 9.56 -1.78
C VAL B 95 -1.04 8.60 -1.56
N LEU B 96 -0.80 7.31 -1.73
CA LEU B 96 -1.87 6.33 -1.65
C LEU B 96 -2.28 6.11 -0.21
N LYS B 97 -1.34 6.22 0.73
CA LYS B 97 -1.69 6.07 2.13
C LYS B 97 -2.11 7.37 2.77
N GLU B 98 -2.26 8.45 2.01
CA GLU B 98 -2.72 9.71 2.58
C GLU B 98 -3.91 10.25 1.81
N ALA B 99 -4.35 9.53 0.80
CA ALA B 99 -5.53 9.91 0.06
C ALA B 99 -6.62 8.86 0.11
N GLY B 100 -6.27 7.59 0.26
CA GLY B 100 -7.26 6.54 0.16
C GLY B 100 -7.26 5.93 -1.23
N SER B 101 -8.17 6.38 -2.06
CA SER B 101 -8.43 5.67 -3.31
C SER B 101 -7.64 6.27 -4.45
N PRO B 102 -7.35 5.50 -5.51
CA PRO B 102 -6.70 6.04 -6.70
C PRO B 102 -7.48 7.11 -7.45
N GLY B 103 -8.75 7.35 -7.12
CA GLY B 103 -9.41 8.51 -7.68
C GLY B 103 -8.81 9.79 -7.14
N LEU B 104 -8.72 9.90 -5.81
CA LEU B 104 -8.23 11.13 -5.22
C LEU B 104 -6.71 11.15 -5.24
N ALA B 105 -6.10 9.99 -5.43
CA ALA B 105 -4.64 9.93 -5.58
C ALA B 105 -4.19 10.53 -6.91
N LEU B 106 -4.91 10.24 -7.99
CA LEU B 106 -4.54 10.81 -9.29
C LEU B 106 -4.88 12.28 -9.38
N VAL B 107 -5.73 12.78 -8.49
CA VAL B 107 -5.99 14.22 -8.45
C VAL B 107 -4.80 14.94 -7.82
N VAL B 108 -4.16 14.32 -6.84
CA VAL B 108 -3.00 14.92 -6.18
C VAL B 108 -1.83 15.00 -7.15
N TRP B 109 -1.69 14.01 -8.02
CA TRP B 109 -0.65 14.09 -9.05
C TRP B 109 -0.96 15.17 -10.07
N ALA B 110 -2.23 15.52 -10.24
CA ALA B 110 -2.56 16.61 -11.14
C ALA B 110 -2.55 17.95 -10.42
N ALA B 111 -2.91 17.97 -9.13
CA ALA B 111 -2.89 19.22 -8.38
C ALA B 111 -1.48 19.63 -8.04
N CYS B 112 -0.56 18.66 -7.93
CA CYS B 112 0.85 18.98 -7.88
C CYS B 112 1.36 19.25 -9.28
N GLY B 113 0.60 18.86 -10.30
CA GLY B 113 0.98 19.15 -11.66
C GLY B 113 0.96 20.63 -11.96
N VAL B 114 -0.11 21.29 -11.57
CA VAL B 114 -0.33 22.69 -11.93
C VAL B 114 0.47 23.58 -11.01
N PHE B 115 0.65 23.16 -9.76
CA PHE B 115 1.24 24.01 -8.74
C PHE B 115 2.71 24.28 -9.03
N SER B 116 3.36 23.39 -9.77
CA SER B 116 4.78 23.56 -10.00
C SER B 116 5.05 24.30 -11.30
N ILE B 117 4.04 24.44 -12.16
CA ILE B 117 4.17 25.38 -13.27
C ILE B 117 4.15 26.80 -12.74
N VAL B 118 3.34 27.04 -11.71
CA VAL B 118 3.27 28.35 -11.09
C VAL B 118 4.58 28.69 -10.40
N GLY B 119 5.20 27.69 -9.77
CA GLY B 119 6.42 27.95 -9.06
C GLY B 119 7.61 28.16 -9.97
N ALA B 120 7.64 27.43 -11.08
CA ALA B 120 8.78 27.55 -11.98
C ALA B 120 8.71 28.85 -12.77
N LEU B 121 7.51 29.39 -13.00
CA LEU B 121 7.40 30.72 -13.57
C LEU B 121 7.86 31.80 -12.61
N CYS B 122 7.64 31.61 -11.31
CA CYS B 122 8.11 32.59 -10.35
C CYS B 122 9.64 32.58 -10.26
N TYR B 123 10.26 31.47 -10.64
CA TYR B 123 11.72 31.44 -10.66
C TYR B 123 12.27 31.65 -12.05
N ALA B 124 11.44 31.49 -13.07
CA ALA B 124 11.91 31.81 -14.41
C ALA B 124 12.08 33.31 -14.56
N GLU B 125 11.35 34.09 -13.79
CA GLU B 125 11.58 35.52 -13.83
C GLU B 125 12.62 35.95 -12.80
N LEU B 126 12.62 35.32 -11.62
CA LEU B 126 13.48 35.80 -10.54
C LEU B 126 14.91 35.35 -10.77
N GLY B 127 15.10 34.31 -11.57
CA GLY B 127 16.45 33.95 -11.96
C GLY B 127 17.03 34.92 -12.97
N THR B 128 16.17 35.68 -13.65
CA THR B 128 16.65 36.53 -14.73
C THR B 128 16.89 37.96 -14.28
N THR B 129 16.25 38.39 -13.20
CA THR B 129 16.44 39.77 -12.77
C THR B 129 17.82 39.96 -12.13
N ILE B 130 18.12 39.17 -11.09
CA ILE B 130 19.34 39.41 -10.32
C ILE B 130 20.50 38.75 -11.05
N SER B 131 20.51 37.41 -11.06
CA SER B 131 21.43 36.59 -11.87
C SER B 131 22.90 36.88 -11.57
N LYS B 132 23.28 36.81 -10.29
CA LYS B 132 24.68 37.09 -9.98
C LYS B 132 25.55 35.88 -10.28
N SER B 133 25.41 34.93 -9.34
CA SER B 133 26.05 33.62 -9.23
C SER B 133 25.63 33.05 -7.85
N GLY B 134 25.65 31.74 -7.71
CA GLY B 134 25.30 31.09 -6.45
C GLY B 134 23.88 30.70 -6.10
N GLY B 135 22.91 31.00 -6.98
CA GLY B 135 21.54 30.61 -6.76
C GLY B 135 20.62 31.26 -5.73
N ASP B 136 19.63 30.48 -5.31
CA ASP B 136 18.58 30.86 -4.36
C ASP B 136 19.02 31.57 -3.08
N TYR B 137 20.16 31.14 -2.53
CA TYR B 137 20.87 31.90 -1.51
C TYR B 137 21.23 33.30 -1.97
N ALA B 138 21.90 33.41 -3.12
CA ALA B 138 22.39 34.72 -3.57
C ALA B 138 21.26 35.63 -4.03
N TYR B 139 20.12 35.04 -4.39
CA TYR B 139 18.95 35.83 -4.73
C TYR B 139 18.38 36.49 -3.49
N MET B 140 18.51 35.83 -2.34
CA MET B 140 18.06 36.40 -1.07
C MET B 140 19.15 37.25 -0.45
N LEU B 141 20.39 37.06 -0.89
CA LEU B 141 21.50 37.90 -0.45
C LEU B 141 21.32 39.33 -0.95
N GLU B 142 20.70 39.49 -2.12
CA GLU B 142 20.41 40.82 -2.62
C GLU B 142 19.30 41.47 -1.83
N VAL B 143 18.34 40.68 -1.37
CA VAL B 143 17.11 41.24 -0.82
C VAL B 143 17.28 41.64 0.64
N TYR B 144 17.91 40.78 1.43
CA TYR B 144 18.07 41.02 2.87
C TYR B 144 19.51 41.32 3.23
N GLY B 145 20.45 40.45 2.86
CA GLY B 145 21.87 40.76 2.95
C GLY B 145 22.45 40.85 4.35
N SER B 146 21.99 40.01 5.27
CA SER B 146 22.45 40.02 6.65
C SER B 146 22.32 38.63 7.22
N LEU B 147 22.15 38.55 8.54
CA LEU B 147 21.78 37.28 9.17
C LEU B 147 20.53 36.58 8.60
N PRO B 148 19.56 37.22 7.92
CA PRO B 148 18.65 36.41 7.10
C PRO B 148 19.33 35.64 6.00
N ALA B 149 20.45 36.11 5.46
CA ALA B 149 21.09 35.33 4.41
C ALA B 149 21.82 34.14 4.99
N PHE B 150 22.43 34.31 6.16
CA PHE B 150 23.14 33.20 6.77
C PHE B 150 22.16 32.18 7.31
N LEU B 151 21.02 32.63 7.84
CA LEU B 151 20.00 31.71 8.31
C LEU B 151 19.42 30.88 7.18
N LYS B 152 19.32 31.46 5.98
CA LYS B 152 18.93 30.64 4.85
C LYS B 152 20.04 29.69 4.46
N LEU B 153 21.29 30.08 4.71
CA LEU B 153 22.37 29.17 4.37
C LEU B 153 22.51 28.10 5.42
N TRP B 154 22.20 28.42 6.68
CA TRP B 154 22.33 27.44 7.75
C TRP B 154 21.30 26.33 7.62
N ILE B 155 20.21 26.59 6.89
CA ILE B 155 19.16 25.59 6.75
C ILE B 155 19.50 24.62 5.62
N GLU B 156 20.01 25.12 4.51
CA GLU B 156 20.22 24.26 3.36
C GLU B 156 21.39 23.33 3.55
N LEU B 157 22.39 23.72 4.34
CA LEU B 157 23.50 22.81 4.60
C LEU B 157 23.07 21.69 5.53
N LEU B 158 22.05 21.93 6.33
CA LEU B 158 21.75 21.04 7.44
C LEU B 158 20.46 20.27 7.22
N ILE B 159 19.52 20.83 6.47
CA ILE B 159 18.19 20.26 6.33
C ILE B 159 17.88 19.80 4.90
N ILE B 160 17.95 20.70 3.93
CA ILE B 160 17.45 20.35 2.59
C ILE B 160 18.43 19.45 1.86
N ARG B 161 19.64 19.90 1.65
CA ARG B 161 20.65 19.09 0.98
C ARG B 161 21.05 17.77 1.66
N PRO B 162 21.07 17.63 3.00
CA PRO B 162 21.32 16.29 3.54
C PRO B 162 20.16 15.34 3.35
N SER B 163 18.98 15.79 3.75
CA SER B 163 17.87 14.88 3.92
C SER B 163 17.29 14.45 2.59
N SER B 164 17.42 15.27 1.57
CA SER B 164 16.95 14.82 0.27
C SER B 164 17.90 13.81 -0.35
N GLN B 165 19.16 13.79 0.10
CA GLN B 165 20.09 12.80 -0.44
C GLN B 165 19.97 11.49 0.29
N TYR B 166 19.52 11.54 1.54
CA TYR B 166 19.34 10.31 2.29
C TYR B 166 18.18 9.50 1.75
N ILE B 167 17.09 10.17 1.38
CA ILE B 167 15.91 9.52 0.83
C ILE B 167 16.25 8.81 -0.46
N VAL B 168 17.03 9.43 -1.33
CA VAL B 168 17.37 8.77 -2.58
C VAL B 168 18.35 7.65 -2.33
N ALA B 169 19.18 7.80 -1.29
CA ALA B 169 20.07 6.71 -0.91
C ALA B 169 19.29 5.59 -0.24
N LEU B 170 18.30 5.94 0.57
CA LEU B 170 17.49 4.94 1.26
C LEU B 170 16.63 4.18 0.29
N VAL B 171 16.21 4.83 -0.79
CA VAL B 171 15.43 4.18 -1.82
C VAL B 171 16.30 3.30 -2.69
N PHE B 172 17.57 3.68 -2.87
CA PHE B 172 18.50 2.82 -3.57
C PHE B 172 18.69 1.50 -2.83
N ALA B 173 18.64 1.53 -1.51
CA ALA B 173 18.76 0.32 -0.73
C ALA B 173 17.55 -0.58 -0.96
N THR B 174 16.33 -0.05 -0.78
CA THR B 174 15.16 -0.89 -0.72
C THR B 174 14.78 -1.44 -2.07
N TYR B 175 15.24 -0.82 -3.15
CA TYR B 175 15.03 -1.43 -4.46
C TYR B 175 16.17 -2.37 -4.81
N LEU B 176 17.15 -2.50 -3.92
CA LEU B 176 18.22 -3.45 -4.19
C LEU B 176 18.08 -4.66 -3.28
N LEU B 177 17.48 -4.46 -2.10
CA LEU B 177 17.29 -5.54 -1.14
C LEU B 177 15.88 -6.09 -1.18
N LYS B 178 15.07 -5.68 -2.15
CA LYS B 178 13.70 -6.15 -2.18
C LYS B 178 13.41 -7.23 -3.21
N PRO B 179 14.40 -7.55 -4.04
CA PRO B 179 14.30 -8.61 -5.03
C PRO B 179 14.71 -9.94 -4.40
N LEU B 180 14.97 -9.94 -3.11
CA LEU B 180 15.37 -11.13 -2.38
C LEU B 180 14.73 -11.07 -1.00
N PHE B 181 13.49 -10.59 -1.01
CA PHE B 181 12.64 -10.42 0.15
C PHE B 181 11.28 -10.12 -0.46
N PRO B 182 10.93 -10.81 -1.55
CA PRO B 182 9.73 -10.64 -2.36
C PRO B 182 8.41 -10.35 -1.66
N THR B 183 8.07 -11.08 -0.61
CA THR B 183 6.79 -10.84 0.04
C THR B 183 6.90 -10.25 1.44
N CYS B 184 8.11 -10.16 1.96
CA CYS B 184 8.31 -9.63 3.30
C CYS B 184 8.88 -8.23 3.27
N PRO B 185 9.06 -7.65 4.47
CA PRO B 185 9.63 -6.32 4.66
C PRO B 185 11.10 -6.33 5.04
N VAL B 186 11.87 -5.52 4.30
CA VAL B 186 13.31 -5.33 4.48
C VAL B 186 13.53 -4.80 5.88
N PRO B 187 14.50 -5.33 6.64
CA PRO B 187 14.74 -4.82 8.01
C PRO B 187 15.30 -3.42 7.97
N GLU B 188 14.92 -2.61 8.96
CA GLU B 188 15.29 -1.21 9.03
C GLU B 188 16.79 -1.06 9.17
N GLU B 189 17.39 -1.93 9.97
CA GLU B 189 18.81 -1.86 10.30
C GLU B 189 19.71 -2.31 9.15
N ALA B 190 19.15 -2.96 8.13
CA ALA B 190 19.99 -3.37 7.02
C ALA B 190 19.81 -2.48 5.82
N ALA B 191 18.68 -1.78 5.75
CA ALA B 191 18.49 -0.82 4.67
C ALA B 191 19.28 0.45 4.93
N LYS B 192 19.55 0.77 6.19
CA LYS B 192 20.36 1.92 6.49
C LYS B 192 21.82 1.66 6.15
N LEU B 193 22.30 0.47 6.39
CA LEU B 193 23.72 0.22 6.18
C LEU B 193 24.04 -0.06 4.73
N VAL B 194 23.03 -0.18 3.87
CA VAL B 194 23.31 -0.16 2.44
C VAL B 194 23.10 1.24 1.89
N ALA B 195 22.28 2.04 2.59
CA ALA B 195 22.17 3.45 2.26
C ALA B 195 23.47 4.18 2.53
N CYS B 196 24.02 3.99 3.72
CA CYS B 196 25.27 4.63 4.10
C CYS B 196 26.41 4.17 3.19
N LEU B 197 26.42 2.89 2.86
CA LEU B 197 27.45 2.32 2.00
C LEU B 197 27.41 2.94 0.60
N CYS B 198 26.22 3.16 0.09
CA CYS B 198 26.03 3.74 -1.23
C CYS B 198 26.59 5.16 -1.29
N VAL B 199 26.36 5.92 -0.23
CA VAL B 199 26.84 7.30 -0.16
C VAL B 199 28.35 7.38 -0.01
N LEU B 200 28.87 6.76 1.04
CA LEU B 200 30.31 6.76 1.31
C LEU B 200 31.10 6.18 0.16
N LEU B 201 30.50 5.28 -0.61
CA LEU B 201 31.16 4.83 -1.81
C LEU B 201 31.16 5.92 -2.84
N LEU B 202 30.10 6.71 -2.87
CA LEU B 202 29.89 7.59 -4.02
C LEU B 202 30.49 8.95 -3.75
N THR B 203 30.65 9.29 -2.48
CA THR B 203 31.34 10.53 -2.14
C THR B 203 32.83 10.36 -2.27
N ALA B 204 33.31 9.13 -2.35
CA ALA B 204 34.74 8.92 -2.49
C ALA B 204 35.13 8.84 -3.95
N VAL B 205 34.17 8.58 -4.83
CA VAL B 205 34.47 8.67 -6.24
C VAL B 205 34.63 10.12 -6.64
N ASN B 206 33.85 11.00 -6.03
CA ASN B 206 33.92 12.40 -6.39
C ASN B 206 35.08 13.10 -5.70
N CYS B 207 35.66 12.47 -4.67
CA CYS B 207 36.94 12.96 -4.18
C CYS B 207 38.08 12.50 -5.07
N TYR B 208 37.84 11.45 -5.84
CA TYR B 208 38.72 11.10 -6.95
C TYR B 208 38.26 11.85 -8.19
N SER B 209 38.47 11.24 -9.35
CA SER B 209 38.37 11.92 -10.64
C SER B 209 36.96 12.42 -10.95
N VAL B 210 36.86 13.74 -11.18
CA VAL B 210 35.59 14.34 -11.59
C VAL B 210 35.24 13.95 -13.00
N LYS B 211 36.23 13.95 -13.90
CA LYS B 211 35.96 13.62 -15.30
C LYS B 211 35.61 12.14 -15.46
N ALA B 212 35.99 11.30 -14.49
CA ALA B 212 35.50 9.93 -14.49
C ALA B 212 34.09 9.85 -13.92
N ALA B 213 33.76 10.72 -12.97
CA ALA B 213 32.42 10.69 -12.38
C ALA B 213 31.39 11.31 -13.31
N THR B 214 31.82 12.16 -14.25
CA THR B 214 30.88 12.74 -15.21
C THR B 214 30.41 11.71 -16.23
N ARG B 215 31.27 10.76 -16.59
CA ARG B 215 30.84 9.66 -17.44
C ARG B 215 29.86 8.76 -16.70
N VAL B 216 30.00 8.69 -15.37
CA VAL B 216 29.08 7.93 -14.54
C VAL B 216 27.71 8.63 -14.51
N GLN B 217 27.69 9.94 -14.73
CA GLN B 217 26.43 10.66 -14.81
C GLN B 217 25.69 10.34 -16.11
N ASP B 218 26.42 9.88 -17.13
CA ASP B 218 25.81 9.61 -18.43
C ASP B 218 24.94 8.36 -18.39
N ALA B 219 25.44 7.30 -17.74
CA ALA B 219 24.78 6.00 -17.85
C ALA B 219 23.52 5.93 -17.00
N PHE B 220 23.28 6.92 -16.17
CA PHE B 220 22.17 6.81 -15.23
C PHE B 220 21.00 7.64 -15.69
N ALA B 221 21.23 8.52 -16.66
CA ALA B 221 20.11 9.20 -17.30
C ALA B 221 19.35 8.24 -18.21
N ALA B 222 20.07 7.33 -18.87
CA ALA B 222 19.44 6.40 -19.79
C ALA B 222 18.65 5.34 -19.03
N ALA B 223 19.11 4.99 -17.83
CA ALA B 223 18.42 3.95 -17.06
C ALA B 223 17.16 4.50 -16.42
N LYS B 224 17.13 5.81 -16.14
CA LYS B 224 15.94 6.38 -15.52
C LYS B 224 14.80 6.50 -16.52
N LEU B 225 15.13 6.49 -17.81
CA LEU B 225 14.09 6.61 -18.82
C LEU B 225 13.67 5.24 -19.33
N LEU B 226 14.58 4.27 -19.35
CA LEU B 226 14.21 2.93 -19.79
C LEU B 226 13.29 2.26 -18.78
N ALA B 227 13.44 2.57 -17.50
CA ALA B 227 12.55 2.01 -16.50
C ALA B 227 11.17 2.61 -16.62
N LEU B 228 11.11 3.92 -16.83
CA LEU B 228 9.83 4.60 -16.71
C LEU B 228 9.05 4.49 -18.01
N ALA B 229 9.68 3.95 -19.05
CA ALA B 229 8.95 3.62 -20.28
C ALA B 229 8.54 2.17 -20.28
N LEU B 230 9.38 1.29 -19.73
CA LEU B 230 9.05 -0.13 -19.72
C LEU B 230 7.98 -0.42 -18.70
N ILE B 231 7.83 0.43 -17.69
CA ILE B 231 6.65 0.33 -16.86
C ILE B 231 5.41 0.70 -17.65
N ILE B 232 5.53 1.71 -18.51
CA ILE B 232 4.37 2.19 -19.26
C ILE B 232 3.98 1.20 -20.34
N LEU B 233 4.94 0.72 -21.12
CA LEU B 233 4.59 -0.12 -22.26
C LEU B 233 4.15 -1.51 -21.81
N LEU B 234 4.50 -1.90 -20.58
CA LEU B 234 3.90 -3.09 -20.01
C LEU B 234 2.57 -2.76 -19.33
N GLY B 235 2.44 -1.54 -18.82
CA GLY B 235 1.16 -1.11 -18.29
C GLY B 235 0.17 -0.77 -19.39
N PHE B 236 0.68 -0.54 -20.60
CA PHE B 236 -0.20 -0.22 -21.73
C PHE B 236 -0.80 -1.46 -22.34
N VAL B 237 -0.01 -2.54 -22.42
CA VAL B 237 -0.50 -3.74 -23.07
C VAL B 237 -1.31 -4.58 -22.08
N GLN B 238 -1.16 -4.29 -20.78
CA GLN B 238 -1.89 -5.06 -19.78
C GLN B 238 -3.37 -4.69 -19.78
N ILE B 239 -3.69 -3.47 -20.19
CA ILE B 239 -5.09 -3.11 -20.36
C ILE B 239 -5.56 -3.43 -21.77
N GLY B 240 -4.61 -3.55 -22.70
CA GLY B 240 -4.99 -3.80 -24.09
C GLY B 240 -5.11 -5.28 -24.40
N LYS B 241 -4.59 -6.14 -23.52
CA LYS B 241 -4.73 -7.57 -23.72
C LYS B 241 -6.16 -8.01 -23.43
N GLY B 242 -6.79 -7.38 -22.46
CA GLY B 242 -8.17 -7.68 -22.12
C GLY B 242 -8.54 -7.07 -20.79
N ASP B 243 -9.83 -7.05 -20.47
CA ASP B 243 -10.39 -6.52 -19.22
C ASP B 243 -10.02 -5.05 -19.03
N VAL B 244 -10.56 -4.23 -19.95
CA VAL B 244 -10.36 -2.78 -19.89
C VAL B 244 -10.99 -2.23 -18.62
N SER B 245 -10.36 -1.20 -18.06
CA SER B 245 -10.63 -0.66 -16.72
C SER B 245 -10.61 -1.77 -15.68
N ASN B 246 -9.42 -2.38 -15.56
CA ASN B 246 -9.23 -3.55 -14.70
C ASN B 246 -9.37 -3.19 -13.22
N LEU B 247 -9.09 -1.94 -12.86
CA LEU B 247 -9.39 -1.48 -11.50
C LEU B 247 -10.73 -0.75 -11.44
N ASP B 248 -10.83 0.37 -12.18
CA ASP B 248 -11.92 1.34 -12.08
C ASP B 248 -12.21 1.78 -10.64
N PRO B 249 -11.19 1.87 -9.80
CA PRO B 249 -11.41 2.27 -8.40
C PRO B 249 -11.33 3.78 -8.21
N ASN B 250 -12.39 4.37 -7.68
CA ASN B 250 -12.37 5.76 -7.25
C ASN B 250 -13.26 5.92 -6.03
N PHE B 251 -13.18 4.94 -5.11
CA PHE B 251 -14.19 4.78 -4.06
C PHE B 251 -14.14 5.93 -3.06
N SER B 252 -12.97 6.50 -2.87
CA SER B 252 -12.78 7.72 -2.09
C SER B 252 -12.35 8.88 -2.96
N PHE B 253 -12.82 8.94 -4.21
CA PHE B 253 -12.64 10.15 -5.00
C PHE B 253 -13.50 11.28 -4.44
N GLU B 254 -14.65 10.94 -3.89
CA GLU B 254 -15.43 11.80 -3.01
C GLU B 254 -15.55 11.02 -1.69
N GLY B 255 -14.54 11.15 -0.84
CA GLY B 255 -14.49 10.44 0.43
C GLY B 255 -13.07 10.29 0.93
N THR B 256 -12.97 9.90 2.21
CA THR B 256 -11.70 9.71 2.96
C THR B 256 -10.80 10.95 2.91
N LYS B 257 -11.39 12.13 3.06
CA LYS B 257 -10.70 13.39 2.80
C LYS B 257 -10.94 14.31 3.99
N LEU B 258 -9.91 14.47 4.82
CA LEU B 258 -10.06 15.28 6.02
C LEU B 258 -9.99 16.78 5.72
N ASP B 259 -9.59 17.14 4.51
CA ASP B 259 -9.46 18.47 3.91
C ASP B 259 -8.31 19.29 4.49
N VAL B 260 -7.73 18.88 5.60
CA VAL B 260 -6.60 19.61 6.17
C VAL B 260 -5.42 18.67 6.38
N GLY B 261 -5.63 17.57 7.10
CA GLY B 261 -4.50 16.74 7.50
C GLY B 261 -4.00 15.86 6.37
N ASN B 262 -4.83 14.96 5.87
CA ASN B 262 -4.34 13.91 4.99
C ASN B 262 -4.07 14.43 3.59
N ILE B 263 -4.73 15.52 3.21
CA ILE B 263 -4.58 16.03 1.85
C ILE B 263 -3.20 16.66 1.67
N VAL B 264 -2.77 17.47 2.64
CA VAL B 264 -1.49 18.15 2.58
C VAL B 264 -0.34 17.16 2.65
N LEU B 265 -0.50 16.14 3.48
CA LEU B 265 0.50 15.09 3.60
C LEU B 265 0.58 14.26 2.33
N ALA B 266 -0.52 14.19 1.59
CA ALA B 266 -0.46 13.57 0.27
C ALA B 266 0.16 14.52 -0.74
N LEU B 267 0.08 15.82 -0.48
CA LEU B 267 0.66 16.77 -1.41
C LEU B 267 2.17 16.84 -1.26
N TYR B 268 2.67 16.70 -0.04
CA TYR B 268 4.11 16.70 0.21
C TYR B 268 4.80 15.57 -0.51
N SER B 269 4.15 14.42 -0.62
CA SER B 269 4.75 13.33 -1.38
C SER B 269 4.68 13.64 -2.87
N GLY B 270 3.65 14.34 -3.31
CA GLY B 270 3.58 14.69 -4.72
C GLY B 270 4.54 15.81 -5.07
N LEU B 271 4.77 16.73 -4.14
CA LEU B 271 5.65 17.86 -4.41
C LEU B 271 7.11 17.43 -4.43
N PHE B 272 7.45 16.42 -3.63
CA PHE B 272 8.81 15.87 -3.65
C PHE B 272 9.09 15.20 -4.97
N ALA B 273 8.05 14.66 -5.61
CA ALA B 273 8.15 13.72 -6.70
C ALA B 273 8.81 14.34 -7.93
N TYR B 274 8.59 15.63 -8.12
CA TYR B 274 9.44 16.39 -9.02
C TYR B 274 9.67 17.76 -8.41
N GLY B 275 10.94 18.00 -8.13
CA GLY B 275 11.41 19.28 -7.66
C GLY B 275 12.78 19.51 -8.27
N GLY B 276 13.40 20.60 -7.89
CA GLY B 276 14.52 21.00 -8.68
C GLY B 276 14.13 21.71 -9.95
N TRP B 277 13.01 22.41 -9.91
CA TRP B 277 12.69 23.41 -10.92
C TRP B 277 13.14 24.76 -10.41
N ASN B 278 13.88 24.76 -9.32
CA ASN B 278 14.27 26.02 -8.72
C ASN B 278 15.73 26.35 -8.96
N TYR B 279 16.64 25.47 -8.59
CA TYR B 279 18.04 25.86 -8.65
C TYR B 279 18.74 25.10 -9.75
N LEU B 280 17.98 24.69 -10.76
CA LEU B 280 18.54 23.83 -11.78
C LEU B 280 18.25 24.36 -13.17
N ASN B 281 17.31 25.30 -13.29
CA ASN B 281 16.91 25.74 -14.62
C ASN B 281 17.71 26.94 -15.11
N PHE B 282 18.37 27.66 -14.21
CA PHE B 282 19.03 28.89 -14.62
C PHE B 282 20.30 28.60 -15.42
N VAL B 283 21.03 27.56 -15.03
CA VAL B 283 22.15 27.10 -15.85
C VAL B 283 21.64 26.34 -17.06
N THR B 284 20.40 25.88 -17.02
CA THR B 284 19.85 25.11 -18.12
C THR B 284 19.60 25.98 -19.33
N GLU B 285 19.08 27.18 -19.10
CA GLU B 285 18.84 28.10 -20.22
C GLU B 285 20.14 28.73 -20.70
N GLU B 286 21.10 28.91 -19.80
CA GLU B 286 22.14 29.90 -20.02
C GLU B 286 23.13 29.48 -21.10
N MET B 287 23.35 28.18 -21.26
CA MET B 287 24.49 27.73 -22.05
C MET B 287 24.21 27.80 -23.55
N ILE B 288 22.93 27.81 -23.95
CA ILE B 288 22.60 27.95 -25.37
C ILE B 288 22.34 29.42 -25.69
N ASN B 289 21.98 30.19 -24.66
CA ASN B 289 21.40 31.54 -24.72
C ASN B 289 20.25 31.65 -25.71
N PRO B 290 19.09 30.98 -25.51
CA PRO B 290 18.00 31.20 -26.47
C PRO B 290 17.12 32.38 -26.09
N TYR B 291 17.34 32.90 -24.88
CA TYR B 291 16.89 34.22 -24.49
C TYR B 291 15.38 34.47 -24.50
N ARG B 292 14.71 34.03 -23.43
CA ARG B 292 13.36 34.42 -23.02
C ARG B 292 12.29 33.71 -23.83
N ASN B 293 12.68 32.68 -24.56
CA ASN B 293 11.71 31.69 -24.96
C ASN B 293 11.73 30.52 -23.99
N LEU B 294 12.57 30.59 -22.97
CA LEU B 294 12.46 29.60 -21.91
C LEU B 294 11.15 29.60 -21.11
N PRO B 295 10.42 30.74 -20.85
CA PRO B 295 9.22 30.57 -20.02
C PRO B 295 8.07 29.90 -20.75
N LEU B 296 8.05 29.91 -22.08
CA LEU B 296 7.16 28.96 -22.72
C LEU B 296 7.76 27.57 -22.66
N ALA B 297 9.08 27.47 -22.68
CA ALA B 297 9.73 26.16 -22.81
C ALA B 297 9.59 25.34 -21.54
N ILE B 298 9.17 25.95 -20.43
CA ILE B 298 8.84 25.13 -19.29
C ILE B 298 7.33 24.84 -19.26
N ILE B 299 6.53 25.72 -19.87
CA ILE B 299 5.09 25.48 -19.93
C ILE B 299 4.79 24.38 -20.94
N ILE B 300 5.65 24.21 -21.93
CA ILE B 300 5.61 22.97 -22.70
C ILE B 300 6.06 21.80 -21.84
N SER B 301 7.09 22.01 -21.02
CA SER B 301 7.82 20.89 -20.43
C SER B 301 7.10 20.26 -19.26
N LEU B 302 6.70 21.05 -18.28
CA LEU B 302 6.15 20.47 -17.06
C LEU B 302 4.82 19.72 -17.24
N PRO B 303 3.94 20.05 -18.19
CA PRO B 303 2.85 19.11 -18.50
C PRO B 303 3.30 17.80 -19.11
N ILE B 304 4.47 17.71 -19.72
CA ILE B 304 4.94 16.39 -20.15
C ILE B 304 5.30 15.54 -18.94
N VAL B 305 5.78 16.19 -17.89
CA VAL B 305 6.20 15.47 -16.70
C VAL B 305 5.00 15.02 -15.90
N THR B 306 3.98 15.88 -15.80
CA THR B 306 2.74 15.48 -15.14
C THR B 306 2.03 14.42 -15.96
N LEU B 307 2.27 14.39 -17.27
CA LEU B 307 1.73 13.33 -18.10
C LEU B 307 2.37 11.99 -17.75
N VAL B 308 3.70 11.97 -17.62
CA VAL B 308 4.39 10.71 -17.36
C VAL B 308 4.15 10.27 -15.91
N TYR B 309 4.01 11.22 -15.00
CA TYR B 309 3.81 10.83 -13.60
C TYR B 309 2.39 10.38 -13.31
N VAL B 310 1.47 10.58 -14.26
CA VAL B 310 0.12 10.08 -14.07
C VAL B 310 -0.05 8.76 -14.81
N LEU B 311 0.61 8.61 -15.95
CA LEU B 311 0.59 7.34 -16.67
C LEU B 311 1.24 6.22 -15.87
N THR B 312 2.24 6.52 -15.05
CA THR B 312 2.90 5.47 -14.30
C THR B 312 2.04 4.98 -13.15
N ASN B 313 1.19 5.83 -12.60
CA ASN B 313 0.26 5.36 -11.60
C ASN B 313 -0.83 4.50 -12.22
N LEU B 314 -1.17 4.77 -13.48
CA LEU B 314 -2.16 3.96 -14.17
C LEU B 314 -1.63 2.56 -14.41
N ALA B 315 -0.32 2.42 -14.54
CA ALA B 315 0.24 1.08 -14.58
C ALA B 315 0.23 0.44 -13.20
N TYR B 316 0.14 1.24 -12.15
CA TYR B 316 0.16 0.67 -10.81
C TYR B 316 -1.23 0.26 -10.36
N PHE B 317 -2.22 1.14 -10.53
CA PHE B 317 -3.51 0.85 -9.91
C PHE B 317 -4.26 -0.23 -10.64
N THR B 318 -3.97 -0.45 -11.91
CA THR B 318 -4.61 -1.54 -12.62
C THR B 318 -3.93 -2.86 -12.30
N THR B 319 -2.62 -2.93 -12.48
CA THR B 319 -1.92 -4.21 -12.40
C THR B 319 -1.77 -4.66 -10.95
N LEU B 320 -1.63 -3.74 -10.02
CA LEU B 320 -1.63 -4.12 -8.62
C LEU B 320 -3.01 -3.86 -8.02
N SER B 321 -3.14 -4.10 -6.73
CA SER B 321 -4.35 -3.79 -5.99
C SER B 321 -4.02 -2.63 -5.06
N THR B 322 -5.05 -2.10 -4.40
CA THR B 322 -4.80 -1.01 -3.47
C THR B 322 -4.26 -1.51 -2.13
N GLU B 323 -4.27 -2.82 -1.92
CA GLU B 323 -3.71 -3.36 -0.68
C GLU B 323 -2.32 -3.92 -0.92
N GLN B 324 -2.02 -4.33 -2.14
CA GLN B 324 -0.67 -4.78 -2.43
C GLN B 324 0.26 -3.58 -2.59
N MET B 325 -0.29 -2.42 -2.91
CA MET B 325 0.53 -1.22 -3.06
C MET B 325 0.89 -0.60 -1.73
N LEU B 326 -0.09 -0.42 -0.85
CA LEU B 326 0.17 0.25 0.43
C LEU B 326 0.99 -0.64 1.35
N SER B 327 1.03 -1.94 1.06
CA SER B 327 1.83 -2.85 1.87
C SER B 327 3.31 -2.70 1.58
N SER B 328 3.70 -2.75 0.31
CA SER B 328 5.09 -2.91 -0.05
C SER B 328 5.87 -1.61 0.02
N GLU B 329 7.19 -1.75 -0.09
CA GLU B 329 8.08 -0.59 -0.12
C GLU B 329 8.59 -0.34 -1.52
N ALA B 330 8.62 -1.36 -2.36
CA ALA B 330 9.03 -1.24 -3.74
C ALA B 330 7.84 -1.62 -4.61
N VAL B 331 7.09 -0.64 -5.09
CA VAL B 331 5.95 -0.91 -5.94
C VAL B 331 6.42 -1.37 -7.32
N ALA B 332 7.56 -0.88 -7.76
CA ALA B 332 8.01 -1.16 -9.12
C ALA B 332 8.40 -2.61 -9.32
N VAL B 333 8.74 -3.33 -8.25
CA VAL B 333 9.05 -4.74 -8.44
C VAL B 333 7.78 -5.57 -8.40
N ASP B 334 6.72 -5.06 -7.77
CA ASP B 334 5.45 -5.77 -7.76
C ASP B 334 4.79 -5.69 -9.13
N PHE B 335 4.98 -4.57 -9.82
CA PHE B 335 4.62 -4.53 -11.22
C PHE B 335 5.50 -5.46 -12.02
N GLY B 336 6.78 -5.54 -11.66
CA GLY B 336 7.69 -6.37 -12.42
C GLY B 336 7.49 -7.84 -12.16
N ASN B 337 7.18 -8.19 -10.92
CA ASN B 337 6.96 -9.59 -10.56
C ASN B 337 5.77 -10.19 -11.29
N TYR B 338 4.61 -9.54 -11.20
CA TYR B 338 3.41 -10.05 -11.85
C TYR B 338 3.52 -10.06 -13.38
N HIS B 339 4.02 -8.97 -13.95
CA HIS B 339 4.14 -8.84 -15.40
C HIS B 339 5.06 -9.81 -16.14
N LEU B 340 6.24 -10.10 -15.58
CA LEU B 340 7.17 -11.00 -16.25
C LEU B 340 7.91 -11.95 -15.31
N GLY B 341 8.49 -13.00 -15.88
CA GLY B 341 9.21 -13.98 -15.10
C GLY B 341 10.71 -13.78 -15.10
N VAL B 342 11.22 -12.95 -16.01
CA VAL B 342 12.62 -12.54 -15.90
C VAL B 342 12.78 -11.67 -14.66
N MET B 343 12.06 -10.53 -14.62
CA MET B 343 11.61 -9.77 -13.44
C MET B 343 12.68 -9.39 -12.42
N SER B 344 13.94 -9.68 -12.74
CA SER B 344 15.06 -9.38 -11.88
C SER B 344 16.20 -8.71 -12.62
N TRP B 345 16.43 -9.06 -13.89
CA TRP B 345 17.40 -8.33 -14.67
C TRP B 345 16.88 -7.00 -15.16
N ILE B 346 15.60 -6.72 -15.00
CA ILE B 346 15.05 -5.53 -15.63
C ILE B 346 14.77 -4.45 -14.61
N ILE B 347 13.78 -4.67 -13.75
CA ILE B 347 13.26 -3.54 -12.98
C ILE B 347 14.18 -3.09 -11.83
N PRO B 348 14.63 -3.93 -10.89
CA PRO B 348 15.43 -3.35 -9.79
C PRO B 348 16.83 -2.96 -10.20
N VAL B 349 17.26 -3.37 -11.39
CA VAL B 349 18.46 -2.81 -11.99
C VAL B 349 18.21 -1.38 -12.44
N PHE B 350 17.19 -1.19 -13.28
CA PHE B 350 16.96 0.09 -13.91
C PHE B 350 16.44 1.11 -12.92
N VAL B 351 15.64 0.68 -11.95
CA VAL B 351 15.29 1.58 -10.87
C VAL B 351 16.49 1.76 -9.95
N GLY B 352 17.39 0.77 -9.92
CA GLY B 352 18.53 0.85 -9.04
C GLY B 352 19.60 1.78 -9.55
N LEU B 353 19.82 1.80 -10.86
CA LEU B 353 20.77 2.74 -11.45
C LEU B 353 20.23 4.16 -11.40
N SER B 354 18.91 4.32 -11.50
CA SER B 354 18.31 5.64 -11.55
C SER B 354 18.42 6.36 -10.22
N CYS B 355 18.27 5.61 -9.12
CA CYS B 355 18.41 6.23 -7.81
C CYS B 355 19.87 6.40 -7.44
N PHE B 356 20.76 5.70 -8.14
CA PHE B 356 22.18 5.77 -7.83
C PHE B 356 22.79 7.01 -8.44
N GLY B 357 22.07 7.66 -9.37
CA GLY B 357 22.62 8.83 -10.02
C GLY B 357 22.20 10.12 -9.36
N SER B 358 21.09 10.10 -8.64
CA SER B 358 20.56 11.35 -8.10
C SER B 358 21.31 11.78 -6.85
N VAL B 359 22.08 10.88 -6.24
CA VAL B 359 22.98 11.31 -5.17
C VAL B 359 24.38 11.48 -5.70
N ASN B 360 24.67 10.94 -6.87
CA ASN B 360 25.93 11.25 -7.53
C ASN B 360 25.92 12.70 -8.00
N GLY B 361 24.92 13.09 -8.78
CA GLY B 361 24.86 14.44 -9.30
C GLY B 361 24.47 15.46 -8.26
N SER B 362 24.06 15.01 -7.08
CA SER B 362 23.89 15.92 -5.98
C SER B 362 25.21 16.18 -5.28
N LEU B 363 26.27 15.53 -5.72
CA LEU B 363 27.60 15.78 -5.15
C LEU B 363 28.49 16.59 -6.09
N PHE B 364 28.20 16.57 -7.39
CA PHE B 364 28.80 17.57 -8.27
C PHE B 364 28.37 18.96 -7.85
N THR B 365 27.08 19.16 -7.68
CA THR B 365 26.55 20.50 -7.50
C THR B 365 26.62 20.95 -6.06
N SER B 366 27.07 20.08 -5.16
CA SER B 366 27.10 20.44 -3.76
C SER B 366 28.19 21.44 -3.46
N SER B 367 29.25 21.45 -4.28
CA SER B 367 30.44 22.23 -3.96
C SER B 367 30.27 23.69 -4.34
N ARG B 368 29.39 23.97 -5.29
CA ARG B 368 29.16 25.33 -5.76
C ARG B 368 28.70 26.28 -4.65
N LEU B 369 27.89 25.79 -3.72
CA LEU B 369 27.38 26.61 -2.63
C LEU B 369 28.47 27.12 -1.69
N PHE B 370 29.45 26.25 -1.40
CA PHE B 370 30.54 26.62 -0.51
C PHE B 370 31.41 27.77 -1.05
N PHE B 371 31.68 27.74 -2.35
CA PHE B 371 32.50 28.78 -2.98
C PHE B 371 31.84 30.15 -2.90
N VAL B 372 30.52 30.17 -2.89
CA VAL B 372 29.77 31.41 -2.81
C VAL B 372 29.66 31.90 -1.37
N GLY B 373 29.50 30.98 -0.44
CA GLY B 373 29.29 31.40 0.94
C GLY B 373 30.57 31.82 1.63
N SER B 374 31.68 31.15 1.33
CA SER B 374 32.93 31.48 2.00
C SER B 374 33.52 32.77 1.46
N ARG B 375 33.27 33.05 0.18
CA ARG B 375 33.73 34.28 -0.44
C ARG B 375 33.05 35.48 0.17
N GLU B 376 31.79 35.34 0.57
CA GLU B 376 31.05 36.47 1.11
C GLU B 376 31.34 36.72 2.58
N GLY B 377 32.17 35.93 3.21
CA GLY B 377 32.50 36.15 4.60
C GLY B 377 31.75 35.28 5.58
N HIS B 378 30.72 34.58 5.14
CA HIS B 378 30.07 33.53 5.90
C HIS B 378 30.91 32.28 5.75
N LEU B 379 30.53 31.22 6.48
CA LEU B 379 31.00 29.86 6.21
C LEU B 379 32.51 29.69 6.20
N PRO B 380 33.17 29.59 7.38
CA PRO B 380 34.63 29.74 7.51
C PRO B 380 35.48 28.97 6.51
N SER B 381 36.59 29.59 6.13
CA SER B 381 37.26 29.33 4.86
C SER B 381 38.02 28.02 4.82
N ILE B 382 37.83 27.11 5.78
CA ILE B 382 38.39 25.76 5.64
C ILE B 382 37.77 25.10 4.43
N LEU B 383 36.46 25.29 4.27
CA LEU B 383 35.72 24.89 3.10
C LEU B 383 36.12 25.77 1.93
N SER B 384 35.65 25.39 0.74
CA SER B 384 36.02 26.01 -0.53
C SER B 384 37.54 26.01 -0.74
N MET B 385 38.17 24.87 -0.49
CA MET B 385 39.57 24.65 -0.84
C MET B 385 39.64 23.37 -1.66
N ILE B 386 40.51 23.36 -2.61
CA ILE B 386 40.56 22.28 -3.59
C ILE B 386 41.90 21.58 -3.52
N HIS B 387 41.93 20.26 -3.72
CA HIS B 387 43.13 19.39 -3.70
C HIS B 387 44.14 19.71 -4.84
N PRO B 388 45.43 19.27 -4.69
CA PRO B 388 46.47 19.43 -5.71
C PRO B 388 46.25 18.49 -6.89
N GLN B 389 46.97 17.36 -6.91
CA GLN B 389 46.83 16.37 -7.97
C GLN B 389 45.43 15.77 -7.89
N LEU B 390 44.81 15.51 -9.05
CA LEU B 390 43.45 14.96 -9.09
C LEU B 390 42.51 15.85 -8.26
N LEU B 391 42.57 17.15 -8.54
CA LEU B 391 41.80 18.14 -7.79
C LEU B 391 40.29 17.93 -7.78
N THR B 392 39.74 18.10 -6.57
CA THR B 392 38.32 17.96 -6.30
C THR B 392 38.07 18.63 -4.95
N PRO B 393 36.95 19.36 -4.83
CA PRO B 393 36.63 20.04 -3.56
C PRO B 393 36.47 19.13 -2.36
N VAL B 394 37.61 18.78 -1.76
CA VAL B 394 37.63 17.69 -0.78
C VAL B 394 37.06 18.05 0.58
N PRO B 395 37.34 19.21 1.20
CA PRO B 395 36.69 19.46 2.51
C PRO B 395 35.19 19.70 2.43
N SER B 396 34.66 19.96 1.24
CA SER B 396 33.24 20.20 1.11
C SER B 396 32.46 18.90 1.03
N LEU B 397 32.95 17.96 0.23
CA LEU B 397 32.26 16.69 0.06
C LEU B 397 32.25 15.88 1.35
N VAL B 398 33.29 16.03 2.14
CA VAL B 398 33.32 15.40 3.46
C VAL B 398 32.29 16.04 4.36
N PHE B 399 32.05 17.33 4.20
CA PHE B 399 31.07 17.99 5.05
C PHE B 399 29.66 17.59 4.68
N THR B 400 29.42 17.31 3.41
CA THR B 400 28.07 16.93 3.01
C THR B 400 27.78 15.50 3.39
N CYS B 401 28.74 14.60 3.21
CA CYS B 401 28.46 13.18 3.44
C CYS B 401 28.34 12.89 4.93
N VAL B 402 28.98 13.69 5.77
CA VAL B 402 28.77 13.54 7.21
C VAL B 402 27.35 13.92 7.58
N MET B 403 26.84 15.03 7.03
CA MET B 403 25.49 15.46 7.37
C MET B 403 24.45 14.53 6.78
N THR B 404 24.77 13.91 5.65
CA THR B 404 23.91 12.93 5.02
C THR B 404 23.71 11.72 5.91
N LEU B 405 24.77 11.27 6.57
CA LEU B 405 24.69 10.05 7.38
C LEU B 405 24.16 10.36 8.76
N LEU B 406 24.07 11.63 9.15
CA LEU B 406 23.44 11.96 10.41
C LEU B 406 21.94 11.80 10.35
N TYR B 407 21.37 11.69 9.15
CA TYR B 407 19.96 11.36 8.99
C TYR B 407 19.71 9.87 8.93
N ALA B 408 20.68 9.04 9.31
CA ALA B 408 20.46 7.60 9.45
C ALA B 408 19.91 7.30 10.84
N PHE B 409 19.74 8.33 11.67
CA PHE B 409 19.05 8.19 12.93
C PHE B 409 17.56 8.37 12.81
N SER B 410 17.02 8.35 11.59
CA SER B 410 15.62 8.64 11.36
C SER B 410 14.80 7.35 11.38
N LYS B 411 13.50 7.50 11.61
CA LYS B 411 12.62 6.37 11.87
C LYS B 411 11.92 5.87 10.61
N ASP B 412 11.22 6.74 9.89
CA ASP B 412 10.51 6.35 8.68
C ASP B 412 10.86 7.28 7.54
N ILE B 413 10.81 6.75 6.32
CA ILE B 413 11.21 7.53 5.14
C ILE B 413 10.19 8.61 4.84
N PHE B 414 8.92 8.38 5.13
CA PHE B 414 7.93 9.42 4.92
C PHE B 414 7.82 10.31 6.14
N SER B 415 8.58 10.01 7.19
CA SER B 415 8.77 10.99 8.24
C SER B 415 9.90 11.95 7.88
N VAL B 416 10.69 11.57 6.88
CA VAL B 416 11.77 12.44 6.41
C VAL B 416 11.26 13.39 5.33
N ILE B 417 10.42 12.86 4.43
CA ILE B 417 9.85 13.68 3.36
C ILE B 417 8.94 14.75 3.94
N ASN B 418 8.27 14.46 5.04
CA ASN B 418 7.49 15.49 5.71
C ASN B 418 8.39 16.46 6.45
N PHE B 419 9.59 16.01 6.82
CA PHE B 419 10.51 16.91 7.50
C PHE B 419 11.30 17.74 6.50
N PHE B 420 11.65 17.13 5.37
CA PHE B 420 12.27 17.84 4.27
C PHE B 420 11.36 18.93 3.73
N SER B 421 10.13 18.57 3.36
CA SER B 421 9.31 19.47 2.58
C SER B 421 8.65 20.54 3.43
N PHE B 422 8.77 20.46 4.75
CA PHE B 422 8.39 21.62 5.54
C PHE B 422 9.32 22.78 5.25
N PHE B 423 10.62 22.56 5.35
CA PHE B 423 11.54 23.68 5.26
C PHE B 423 11.91 23.99 3.82
N ASN B 424 11.65 23.06 2.90
CA ASN B 424 11.78 23.40 1.49
C ASN B 424 10.73 24.42 1.10
N TRP B 425 9.50 24.23 1.56
CA TRP B 425 8.41 25.07 1.11
C TRP B 425 8.22 26.28 2.00
N LEU B 426 9.05 26.43 3.03
CA LEU B 426 9.15 27.72 3.67
C LEU B 426 10.32 28.52 3.11
N CYS B 427 11.37 27.83 2.63
CA CYS B 427 12.45 28.53 1.96
C CYS B 427 11.99 29.10 0.63
N VAL B 428 11.11 28.38 -0.06
CA VAL B 428 10.57 28.88 -1.32
C VAL B 428 9.64 30.05 -1.08
N ALA B 429 8.84 29.98 -0.02
CA ALA B 429 7.81 30.99 0.21
C ALA B 429 8.40 32.32 0.64
N LEU B 430 9.50 32.31 1.38
CA LEU B 430 10.14 33.57 1.74
C LEU B 430 10.95 34.13 0.59
N ALA B 431 11.32 33.28 -0.36
CA ALA B 431 12.07 33.76 -1.51
C ALA B 431 11.17 34.53 -2.46
N ILE B 432 9.86 34.30 -2.39
CA ILE B 432 8.93 34.90 -3.33
C ILE B 432 8.16 36.04 -2.66
N ILE B 433 7.98 35.97 -1.34
CA ILE B 433 7.61 37.16 -0.58
C ILE B 433 8.65 38.25 -0.77
N GLY B 434 9.91 37.86 -0.83
CA GLY B 434 10.97 38.82 -1.09
C GLY B 434 10.96 39.32 -2.52
N MET B 435 10.24 38.64 -3.41
CA MET B 435 10.10 39.18 -4.75
C MET B 435 9.07 40.28 -4.81
N ILE B 436 8.00 40.13 -4.04
CA ILE B 436 6.93 41.13 -4.02
C ILE B 436 7.40 42.38 -3.31
N TRP B 437 8.22 42.22 -2.28
CA TRP B 437 8.79 43.37 -1.61
C TRP B 437 9.90 43.99 -2.46
N LEU B 438 10.37 43.26 -3.46
CA LEU B 438 11.21 43.84 -4.49
C LEU B 438 10.40 44.23 -5.72
N ARG B 439 9.10 43.93 -5.72
CA ARG B 439 8.19 44.59 -6.65
C ARG B 439 7.64 45.88 -6.06
N HIS B 440 7.24 45.84 -4.79
CA HIS B 440 6.86 47.07 -4.07
C HIS B 440 8.02 48.05 -4.04
N ARG B 441 9.09 47.70 -3.34
CA ARG B 441 10.27 48.55 -3.26
C ARG B 441 11.20 48.21 -4.42
N LYS B 442 12.07 49.16 -4.76
CA LYS B 442 13.13 49.07 -5.78
C LYS B 442 12.60 48.66 -7.15
N PRO B 443 11.92 49.54 -7.87
CA PRO B 443 11.52 49.18 -9.24
C PRO B 443 12.66 49.35 -10.23
N GLU B 444 12.31 49.26 -11.52
CA GLU B 444 13.18 49.49 -12.69
C GLU B 444 14.52 48.74 -12.62
N LEU B 445 14.50 47.51 -12.11
CA LEU B 445 15.71 46.70 -12.03
C LEU B 445 15.99 45.90 -13.29
N GLU B 446 15.42 46.31 -14.43
CA GLU B 446 15.60 45.67 -15.73
C GLU B 446 15.21 44.20 -15.68
N ARG B 447 13.93 43.94 -15.45
CA ARG B 447 13.31 42.62 -15.44
C ARG B 447 13.17 42.16 -16.89
N PRO B 448 13.94 41.15 -17.36
CA PRO B 448 13.75 40.69 -18.73
C PRO B 448 12.44 39.94 -18.85
N ILE B 449 12.05 39.30 -17.76
CA ILE B 449 10.78 38.62 -17.67
C ILE B 449 10.04 39.13 -16.44
N LYS B 450 8.86 39.67 -16.64
CA LYS B 450 7.94 39.97 -15.56
C LYS B 450 6.66 39.18 -15.81
N VAL B 451 6.29 38.36 -14.86
CA VAL B 451 5.04 37.64 -14.96
C VAL B 451 3.96 38.52 -14.39
N ASN B 452 2.71 38.15 -14.64
CA ASN B 452 1.58 38.87 -14.07
C ASN B 452 1.63 38.69 -12.56
N LEU B 453 1.50 39.79 -11.82
CA LEU B 453 1.74 39.77 -10.38
C LEU B 453 0.62 39.06 -9.62
N ALA B 454 -0.48 38.74 -10.30
CA ALA B 454 -1.52 37.95 -9.66
C ALA B 454 -1.12 36.49 -9.57
N LEU B 455 -0.13 36.08 -10.36
CA LEU B 455 0.36 34.71 -10.28
C LEU B 455 1.19 34.40 -9.03
N PRO B 456 2.16 35.21 -8.58
CA PRO B 456 2.83 34.85 -7.33
C PRO B 456 1.95 34.95 -6.09
N VAL B 457 0.91 35.77 -6.09
CA VAL B 457 0.07 35.81 -4.89
C VAL B 457 -0.87 34.62 -4.86
N PHE B 458 -1.04 33.93 -6.00
CA PHE B 458 -1.60 32.59 -5.93
C PHE B 458 -0.66 31.64 -5.21
N PHE B 459 0.64 31.93 -5.24
CA PHE B 459 1.61 30.95 -4.81
C PHE B 459 1.85 31.03 -3.31
N ILE B 460 1.94 32.24 -2.76
CA ILE B 460 2.21 32.36 -1.32
C ILE B 460 1.02 31.91 -0.50
N LEU B 461 -0.18 32.31 -0.92
CA LEU B 461 -1.39 32.02 -0.15
C LEU B 461 -1.66 30.53 -0.08
N ALA B 462 -1.20 29.78 -1.08
CA ALA B 462 -1.18 28.33 -0.95
C ALA B 462 -0.05 27.87 -0.03
N CYS B 463 1.11 28.53 -0.12
CA CYS B 463 2.26 28.04 0.61
C CYS B 463 2.19 28.35 2.10
N LEU B 464 1.45 29.39 2.48
CA LEU B 464 1.18 29.55 3.91
C LEU B 464 0.16 28.53 4.38
N PHE B 465 -0.64 28.01 3.47
CA PHE B 465 -1.64 27.02 3.83
C PHE B 465 -1.02 25.65 4.05
N LEU B 466 0.13 25.40 3.41
CA LEU B 466 0.82 24.13 3.65
C LEU B 466 1.52 24.12 4.99
N ILE B 467 2.10 25.24 5.39
CA ILE B 467 2.88 25.28 6.62
C ILE B 467 1.97 25.38 7.85
N ALA B 468 0.91 26.18 7.76
CA ALA B 468 0.05 26.42 8.92
C ALA B 468 -0.73 25.17 9.31
N VAL B 469 -0.96 24.26 8.36
CA VAL B 469 -1.57 23.00 8.70
C VAL B 469 -0.50 22.00 9.16
N SER B 470 0.77 22.32 8.91
CA SER B 470 1.83 21.40 9.31
C SER B 470 2.30 21.67 10.74
N PHE B 471 1.57 22.48 11.49
CA PHE B 471 1.73 22.45 12.94
C PHE B 471 0.54 21.80 13.62
N TRP B 472 -0.62 21.86 12.97
CA TRP B 472 -1.73 21.02 13.35
C TRP B 472 -1.36 19.55 13.16
N LYS B 473 -0.53 19.27 12.16
CA LYS B 473 -0.11 17.93 11.85
C LYS B 473 1.39 17.84 12.05
N THR B 474 1.83 16.94 12.93
CA THR B 474 3.20 16.61 13.30
C THR B 474 4.05 17.81 13.69
N PRO B 475 3.78 18.47 14.82
CA PRO B 475 4.54 19.67 15.16
C PRO B 475 5.84 19.39 15.87
N VAL B 476 6.15 18.13 16.15
CA VAL B 476 7.35 17.85 16.92
C VAL B 476 8.59 17.85 16.03
N GLU B 477 8.43 17.44 14.77
CA GLU B 477 9.57 17.47 13.85
C GLU B 477 9.82 18.90 13.38
N CYS B 478 8.77 19.68 13.25
CA CYS B 478 8.95 21.10 13.02
C CYS B 478 9.38 21.82 14.29
N GLY B 479 9.17 21.17 15.44
CA GLY B 479 9.69 21.71 16.68
C GLY B 479 11.19 21.59 16.77
N ILE B 480 11.74 20.46 16.32
CA ILE B 480 13.19 20.32 16.32
C ILE B 480 13.76 20.95 15.06
N GLY B 481 12.91 21.35 14.12
CA GLY B 481 13.39 22.10 12.98
C GLY B 481 13.61 23.56 13.29
N PHE B 482 12.79 24.13 14.17
CA PHE B 482 13.05 25.49 14.61
C PHE B 482 14.07 25.51 15.73
N THR B 483 14.40 24.34 16.28
CA THR B 483 15.46 24.25 17.27
C THR B 483 16.81 24.39 16.60
N ILE B 484 16.96 23.83 15.41
CA ILE B 484 18.26 23.79 14.75
C ILE B 484 18.58 25.12 14.10
N ILE B 485 17.57 25.97 13.94
CA ILE B 485 17.80 27.29 13.33
C ILE B 485 17.91 28.35 14.40
N LEU B 486 17.65 28.00 15.64
CA LEU B 486 18.10 28.86 16.74
C LEU B 486 19.52 28.51 17.13
N SER B 487 20.05 27.41 16.60
CA SER B 487 21.47 27.12 16.81
C SER B 487 22.33 27.84 15.80
N GLY B 488 21.74 28.29 14.69
CA GLY B 488 22.49 29.07 13.73
C GLY B 488 22.64 30.53 14.14
N LEU B 489 21.93 30.92 15.19
CA LEU B 489 21.98 32.32 15.60
C LEU B 489 23.20 32.67 16.44
N PRO B 490 23.63 31.91 17.47
CA PRO B 490 24.88 32.30 18.13
C PRO B 490 26.11 32.05 17.30
N VAL B 491 26.10 31.07 16.40
CA VAL B 491 27.26 30.87 15.54
C VAL B 491 27.24 31.87 14.40
N TYR B 492 26.14 32.61 14.23
CA TYR B 492 26.22 33.83 13.44
C TYR B 492 26.95 34.92 14.19
N PHE B 493 26.58 35.14 15.46
CA PHE B 493 27.21 36.19 16.23
C PHE B 493 28.65 35.83 16.56
N PHE B 494 28.94 34.55 16.72
CA PHE B 494 30.32 34.11 16.78
C PHE B 494 30.97 34.18 15.40
N GLY B 495 30.15 34.16 14.34
CA GLY B 495 30.70 34.05 13.00
C GLY B 495 31.29 35.35 12.50
N VAL B 496 30.44 36.36 12.26
CA VAL B 496 30.94 37.60 11.68
C VAL B 496 30.79 38.77 12.63
N TRP B 497 29.79 38.73 13.51
CA TRP B 497 29.52 39.88 14.36
C TRP B 497 30.54 39.98 15.48
N TRP B 498 31.26 38.89 15.74
CA TRP B 498 32.07 38.77 16.94
C TRP B 498 33.27 39.70 16.94
N LYS B 499 33.51 40.31 18.08
CA LYS B 499 34.68 41.15 18.28
C LYS B 499 35.91 40.27 18.48
N ASN B 500 36.91 40.48 17.63
CA ASN B 500 38.19 39.79 17.65
C ASN B 500 39.14 40.32 18.72
N LYS B 501 38.58 41.05 19.70
CA LYS B 501 39.30 41.60 20.84
C LYS B 501 40.14 40.63 21.66
N PRO B 502 39.66 39.43 22.10
CA PRO B 502 40.46 38.65 23.07
C PRO B 502 41.72 38.01 22.50
N LYS B 503 41.74 37.70 21.19
CA LYS B 503 42.95 37.39 20.41
C LYS B 503 43.55 36.02 20.76
N TRP B 504 43.03 35.35 21.80
CA TRP B 504 43.40 33.96 22.05
C TRP B 504 42.87 33.06 20.94
N LEU B 505 41.68 33.38 20.44
CA LEU B 505 40.98 32.54 19.49
C LEU B 505 41.45 32.76 18.06
N LEU B 506 41.93 33.95 17.73
CA LEU B 506 42.32 34.26 16.36
C LEU B 506 43.54 33.45 15.94
N GLN B 507 44.46 33.20 16.86
CA GLN B 507 45.52 32.24 16.61
C GLN B 507 44.96 30.84 16.49
N GLY B 508 43.91 30.53 17.25
CA GLY B 508 43.37 29.18 17.24
C GLY B 508 42.59 28.87 15.96
N ILE B 509 41.89 29.88 15.43
CA ILE B 509 41.20 29.71 14.16
C ILE B 509 42.20 29.44 13.05
N PHE B 510 43.29 30.21 13.04
CA PHE B 510 44.39 29.90 12.13
C PHE B 510 45.04 28.57 12.48
N SER B 511 45.02 28.18 13.75
CA SER B 511 45.62 26.90 14.14
C SER B 511 44.78 25.74 13.67
N THR B 512 43.47 25.82 13.87
CA THR B 512 42.57 24.72 13.52
C THR B 512 42.51 24.54 12.01
N THR B 513 42.54 25.65 11.27
CA THR B 513 42.37 25.59 9.82
C THR B 513 43.58 24.98 9.15
N VAL B 514 44.80 25.38 9.54
CA VAL B 514 45.99 24.85 8.89
C VAL B 514 46.24 23.40 9.27
N LEU B 515 45.62 22.90 10.34
CA LEU B 515 45.75 21.49 10.67
C LEU B 515 45.02 20.65 9.64
N CYS B 516 43.82 21.08 9.24
CA CYS B 516 43.02 20.35 8.27
C CYS B 516 43.63 20.40 6.88
N GLN B 517 44.37 21.47 6.57
CA GLN B 517 44.99 21.56 5.26
C GLN B 517 46.14 20.60 5.14
N LYS B 518 46.93 20.50 6.21
CA LYS B 518 47.98 19.50 6.29
C LYS B 518 47.42 18.10 6.33
N LEU B 519 46.18 17.97 6.81
CA LEU B 519 45.56 16.66 6.97
C LEU B 519 45.00 16.14 5.66
N MET B 520 44.49 17.03 4.81
CA MET B 520 43.79 16.64 3.60
C MET B 520 44.57 16.94 2.32
N GLN B 521 45.61 17.80 2.41
CA GLN B 521 46.35 18.36 1.27
C GLN B 521 45.42 19.15 0.35
N VAL B 522 44.87 20.24 0.87
CA VAL B 522 43.96 21.10 0.13
C VAL B 522 44.46 22.54 0.18
N VAL B 523 44.34 23.23 -0.94
CA VAL B 523 44.90 24.57 -1.08
C VAL B 523 43.75 25.52 -1.39
N PRO B 524 43.89 26.83 -1.09
CA PRO B 524 42.79 27.76 -1.36
C PRO B 524 42.50 28.00 -2.83
N GLN B 525 41.48 28.81 -3.11
CA GLN B 525 41.19 29.22 -4.47
C GLN B 525 42.24 30.21 -4.95
N GLU B 526 42.29 30.41 -6.27
CA GLU B 526 43.21 31.38 -6.85
C GLU B 526 42.71 32.78 -6.58
N THR B 527 43.01 33.30 -5.39
CA THR B 527 42.53 34.62 -4.97
C THR B 527 43.15 35.74 -5.79
#